data_4N0R
#
_entry.id   4N0R
#
_cell.length_a   226.439
_cell.length_b   67.684
_cell.length_c   90.066
_cell.angle_alpha   90.000
_cell.angle_beta   90.000
_cell.angle_gamma   90.000
#
_symmetry.space_group_name_H-M   'P 21 21 2'
#
loop_
_entity.id
_entity.type
_entity.pdbx_description
1 polymer 'putative glycoside hydrolase'
2 non-polymer 'UNKNOWN LIGAND'
3 non-polymer 'NICKEL (II) ION'
4 non-polymer GLYCEROL
5 water water
#
_entity_poly.entity_id   1
_entity_poly.type   'polypeptide(L)'
_entity_poly.pdbx_seq_one_letter_code
;GQDKVECWDRFELSFKQVTKGNPFDIRLSATFVCGKEKKTVEGFYDGENTYRIRF(MSE)PAVAGEWRYVTSSSIGA
(MSE)NGRKGTFTVIPAGKDNHG(MSE)VLVDGEHNFKYADGTRYYP(MSE)GTTAYAWTH(MSE)KETTQEATLKSFGE
AGFNKVR(MSE)CVFPKNYSLVKDEPALYPFEIEKTIKDKEGNERKEWDFDRFDPAFFQHLEKRIDQLNRLGIEADLILF
HPYDKGRWGFDA(MSE)SNEVNVRYIKYITARLASFRNVWWS(MSE)ANEWDYVKAKTVDDWKLLTKTVVENDPYRHLCS
IHGATATYFDYW(MSE)PEFTHVSIQDEAPVLSSTASATLRKIYRKPVICDEVGYEGNLPYRWGRLSPQQ(MSE)TCFIL
NGLLGGIYVTHGECYQQGNEPIFWAQGGSLKGESWKRVKFLRTIIEAAPHPLE(MSE)ADISRDLVTSTAGPDYYLVN
(MSE)GKDVKGFWTFNLPVKNADYNKLQKNKRFKVEIIDVWA(MSE)TVTEYPVIFETTEELDYRVFDIHHRGVRIPDAP
YIVLRITEVK
;
_entity_poly.pdbx_strand_id   A,B
#
# COMPACT_ATOMS: atom_id res chain seq x y z
N GLN A 2 11.55 -25.40 -38.50
CA GLN A 2 10.61 -24.32 -38.98
C GLN A 2 11.32 -23.04 -39.46
N ASP A 3 11.43 -22.90 -40.78
CA ASP A 3 12.47 -22.07 -41.37
C ASP A 3 12.11 -20.58 -41.34
N LYS A 4 10.83 -20.27 -41.17
CA LYS A 4 10.39 -18.90 -41.17
C LYS A 4 9.33 -18.77 -40.10
N VAL A 5 9.53 -17.82 -39.17
CA VAL A 5 8.58 -17.59 -38.08
C VAL A 5 8.42 -16.13 -37.84
N GLU A 6 7.25 -15.77 -37.37
CA GLU A 6 6.94 -14.42 -37.03
C GLU A 6 7.57 -14.06 -35.71
N CYS A 7 7.95 -12.80 -35.63
CA CYS A 7 8.30 -12.17 -34.35
CA CYS A 7 8.30 -12.19 -34.38
C CYS A 7 7.25 -12.54 -33.29
N TRP A 8 7.71 -13.00 -32.13
CA TRP A 8 6.87 -13.33 -30.98
C TRP A 8 6.07 -14.67 -31.10
N ASP A 9 6.18 -15.37 -32.22
CA ASP A 9 5.80 -16.78 -32.35
C ASP A 9 6.98 -17.64 -31.83
N ARG A 10 6.93 -18.96 -32.04
CA ARG A 10 7.94 -19.86 -31.52
C ARG A 10 8.69 -20.53 -32.60
N PHE A 11 10.01 -20.57 -32.44
CA PHE A 11 10.85 -21.41 -33.24
C PHE A 11 11.18 -22.61 -32.34
N GLU A 12 11.11 -23.79 -32.91
CA GLU A 12 11.31 -25.03 -32.11
C GLU A 12 12.25 -26.01 -32.79
N LEU A 13 13.30 -26.42 -32.05
CA LEU A 13 14.16 -27.50 -32.45
C LEU A 13 13.74 -28.79 -31.75
N SER A 14 13.95 -29.89 -32.42
CA SER A 14 13.72 -31.19 -31.81
C SER A 14 14.80 -32.17 -32.19
N PHE A 15 15.14 -33.07 -31.27
CA PHE A 15 16.11 -34.15 -31.53
C PHE A 15 15.58 -35.48 -31.03
N LYS A 16 15.79 -36.54 -31.81
CA LYS A 16 15.52 -37.92 -31.43
C LYS A 16 16.77 -38.47 -30.84
N GLN A 17 16.71 -38.90 -29.60
CA GLN A 17 17.90 -39.31 -28.90
C GLN A 17 17.56 -40.39 -27.85
N VAL A 18 18.35 -41.46 -27.83
CA VAL A 18 18.28 -42.50 -26.83
C VAL A 18 19.23 -42.11 -25.69
N THR A 19 18.77 -42.31 -24.46
CA THR A 19 19.47 -41.94 -23.25
C THR A 19 19.56 -43.19 -22.40
N LYS A 20 20.69 -43.43 -21.72
CA LYS A 20 20.80 -44.58 -20.77
C LYS A 20 20.05 -44.32 -19.45
N GLY A 21 20.22 -43.11 -18.93
CA GLY A 21 19.70 -42.76 -17.60
C GLY A 21 18.37 -42.02 -17.72
N ASN A 22 18.05 -41.25 -16.69
CA ASN A 22 16.81 -40.45 -16.65
C ASN A 22 16.87 -39.27 -17.67
N PRO A 23 16.00 -39.30 -18.69
CA PRO A 23 16.14 -38.27 -19.74
C PRO A 23 15.81 -36.87 -19.24
N PHE A 24 15.04 -36.78 -18.15
CA PHE A 24 14.71 -35.50 -17.54
C PHE A 24 15.91 -34.86 -16.81
N ASP A 25 17.01 -35.57 -16.66
CA ASP A 25 18.25 -35.02 -16.06
C ASP A 25 19.19 -34.47 -17.10
N ILE A 26 18.92 -34.73 -18.39
CA ILE A 26 19.86 -34.38 -19.45
C ILE A 26 19.90 -32.85 -19.62
N ARG A 27 21.10 -32.29 -19.67
CA ARG A 27 21.31 -30.86 -19.90
C ARG A 27 21.19 -30.57 -21.39
N LEU A 28 20.40 -29.56 -21.72
CA LEU A 28 20.21 -29.16 -23.14
C LEU A 28 19.82 -27.69 -23.22
N SER A 29 20.50 -26.94 -24.09
CA SER A 29 20.28 -25.50 -24.24
C SER A 29 20.73 -25.08 -25.65
N ALA A 30 20.36 -23.86 -26.04
CA ALA A 30 20.90 -23.25 -27.22
C ALA A 30 21.00 -21.76 -27.08
N THR A 31 21.92 -21.21 -27.87
CA THR A 31 22.11 -19.79 -27.99
C THR A 31 21.69 -19.37 -29.38
N PHE A 32 20.84 -18.33 -29.43
CA PHE A 32 20.25 -17.79 -30.66
C PHE A 32 20.84 -16.38 -30.88
N VAL A 33 21.28 -16.09 -32.11
CA VAL A 33 21.92 -14.82 -32.44
C VAL A 33 21.33 -14.24 -33.71
N CYS A 34 21.05 -12.95 -33.67
CA CYS A 34 20.72 -12.15 -34.85
C CYS A 34 21.36 -10.78 -34.66
N GLY A 35 22.52 -10.56 -35.28
CA GLY A 35 23.30 -9.29 -35.15
C GLY A 35 23.65 -9.07 -33.68
N LYS A 36 23.18 -7.95 -33.15
CA LYS A 36 23.33 -7.59 -31.73
C LYS A 36 22.42 -8.33 -30.76
N GLU A 37 21.37 -8.99 -31.28
CA GLU A 37 20.40 -9.67 -30.43
C GLU A 37 20.98 -11.06 -30.17
N LYS A 38 20.99 -11.47 -28.92
CA LYS A 38 21.52 -12.77 -28.53
C LYS A 38 20.78 -13.26 -27.29
N LYS A 39 20.39 -14.55 -27.28
CA LYS A 39 19.63 -15.13 -26.16
CA LYS A 39 19.63 -15.14 -26.16
C LYS A 39 20.04 -16.60 -25.98
N THR A 40 20.18 -17.02 -24.73
CA THR A 40 20.50 -18.40 -24.38
C THR A 40 19.31 -18.97 -23.61
N VAL A 41 18.76 -20.10 -24.07
CA VAL A 41 17.55 -20.65 -23.44
C VAL A 41 17.75 -22.14 -23.20
N GLU A 42 17.04 -22.68 -22.22
CA GLU A 42 17.07 -24.13 -21.91
C GLU A 42 16.03 -24.88 -22.74
N GLY A 43 16.37 -26.14 -23.02
CA GLY A 43 15.46 -27.12 -23.62
C GLY A 43 14.94 -28.11 -22.58
N PHE A 44 14.26 -29.13 -23.07
CA PHE A 44 13.58 -30.06 -22.21
C PHE A 44 13.29 -31.37 -22.93
N TYR A 45 13.02 -32.40 -22.14
CA TYR A 45 12.64 -33.71 -22.66
C TYR A 45 11.13 -33.83 -22.77
N ASP A 46 10.66 -34.35 -23.90
CA ASP A 46 9.24 -34.39 -24.20
C ASP A 46 8.68 -35.81 -24.41
N GLY A 47 9.31 -36.80 -23.80
CA GLY A 47 8.93 -38.20 -24.00
C GLY A 47 9.28 -38.77 -25.38
N GLU A 48 9.17 -40.09 -25.50
CA GLU A 48 9.33 -40.78 -26.79
C GLU A 48 10.67 -40.42 -27.45
N ASN A 49 11.72 -40.40 -26.65
CA ASN A 49 13.08 -40.11 -27.10
C ASN A 49 13.23 -38.78 -27.83
N THR A 50 12.38 -37.83 -27.49
CA THR A 50 12.36 -36.54 -28.18
C THR A 50 12.68 -35.43 -27.18
N TYR A 51 13.74 -34.69 -27.47
CA TYR A 51 14.08 -33.45 -26.77
C TYR A 51 13.75 -32.29 -27.68
N ARG A 52 13.42 -31.17 -27.04
CA ARG A 52 13.00 -29.92 -27.73
C ARG A 52 13.67 -28.70 -27.12
N ILE A 53 13.90 -27.70 -27.94
CA ILE A 53 14.30 -26.37 -27.49
C ILE A 53 13.40 -25.38 -28.20
N ARG A 54 12.73 -24.53 -27.44
CA ARG A 54 11.84 -23.52 -27.93
C ARG A 54 12.43 -22.14 -27.70
N PHE A 55 12.22 -21.27 -28.68
CA PHE A 55 12.67 -19.90 -28.66
C PHE A 55 11.61 -18.94 -29.21
N PRO A 57 11.61 -15.40 -30.77
CA PRO A 57 12.40 -14.25 -31.28
C PRO A 57 11.63 -12.97 -31.14
N ALA A 58 12.35 -11.88 -30.89
CA ALA A 58 11.70 -10.61 -30.63
C ALA A 58 12.08 -9.55 -31.66
N VAL A 59 12.99 -9.87 -32.56
CA VAL A 59 13.45 -9.01 -33.65
CA VAL A 59 13.33 -8.99 -33.66
C VAL A 59 13.40 -9.80 -34.95
N ALA A 60 13.03 -9.15 -36.04
CA ALA A 60 13.04 -9.73 -37.37
C ALA A 60 14.44 -9.77 -37.88
N GLY A 61 14.74 -10.75 -38.70
CA GLY A 61 16.03 -10.88 -39.36
C GLY A 61 16.40 -12.30 -39.63
N GLU A 62 17.67 -12.49 -39.97
CA GLU A 62 18.25 -13.75 -40.24
C GLU A 62 18.89 -14.24 -38.95
N TRP A 63 18.39 -15.33 -38.40
CA TRP A 63 18.87 -15.84 -37.11
C TRP A 63 19.71 -17.10 -37.33
N ARG A 64 20.58 -17.39 -36.36
CA ARG A 64 21.28 -18.64 -36.25
C ARG A 64 21.29 -19.10 -34.79
N TYR A 65 21.61 -20.38 -34.61
CA TYR A 65 21.67 -20.98 -33.28
C TYR A 65 22.82 -21.98 -33.20
N VAL A 66 23.22 -22.21 -31.96
CA VAL A 66 24.19 -23.24 -31.60
CA VAL A 66 24.17 -23.28 -31.63
C VAL A 66 23.69 -23.94 -30.35
N THR A 67 23.58 -25.27 -30.36
CA THR A 67 23.13 -26.00 -29.15
C THR A 67 24.30 -26.41 -28.26
N SER A 68 23.98 -26.63 -26.99
CA SER A 68 24.88 -27.21 -26.01
C SER A 68 24.15 -28.30 -25.25
N SER A 69 24.81 -29.44 -25.06
CA SER A 69 24.21 -30.55 -24.33
C SER A 69 25.25 -31.44 -23.69
N SER A 70 24.81 -32.15 -22.65
CA SER A 70 25.64 -33.22 -22.04
C SER A 70 25.68 -34.46 -22.90
N ILE A 71 24.78 -34.57 -23.88
CA ILE A 71 24.85 -35.61 -24.89
C ILE A 71 25.50 -35.06 -26.17
N GLY A 72 26.62 -35.69 -26.57
CA GLY A 72 27.45 -35.21 -27.67
C GLY A 72 26.65 -34.99 -28.94
N ALA A 73 25.75 -35.92 -29.26
CA ALA A 73 24.96 -35.81 -30.49
C ALA A 73 24.04 -34.58 -30.55
N ASN A 75 25.01 -31.71 -28.93
CA ASN A 75 25.92 -30.63 -28.56
C ASN A 75 26.58 -30.07 -29.81
N GLY A 76 26.62 -28.75 -29.91
CA GLY A 76 27.26 -28.06 -31.04
C GLY A 76 26.46 -28.10 -32.32
N ARG A 77 25.17 -28.40 -32.25
CA ARG A 77 24.34 -28.48 -33.44
C ARG A 77 23.96 -27.04 -33.82
N LYS A 78 23.99 -26.76 -35.11
CA LYS A 78 23.87 -25.39 -35.65
C LYS A 78 22.83 -25.35 -36.76
N GLY A 79 22.17 -24.21 -36.92
CA GLY A 79 21.32 -23.99 -38.07
C GLY A 79 20.87 -22.55 -38.13
N THR A 80 19.92 -22.28 -39.04
CA THR A 80 19.46 -20.93 -39.29
C THR A 80 17.95 -20.92 -39.49
N PHE A 81 17.36 -19.75 -39.34
CA PHE A 81 15.98 -19.51 -39.64
C PHE A 81 15.77 -18.03 -39.84
N THR A 82 14.65 -17.69 -40.43
CA THR A 82 14.30 -16.32 -40.75
C THR A 82 13.15 -15.93 -39.83
N VAL A 83 13.23 -14.74 -39.25
CA VAL A 83 12.17 -14.18 -38.48
C VAL A 83 11.58 -13.00 -39.22
N ILE A 84 10.27 -13.00 -39.41
CA ILE A 84 9.59 -11.95 -40.17
C ILE A 84 8.78 -11.09 -39.20
N PRO A 85 8.36 -9.87 -39.62
CA PRO A 85 7.56 -9.03 -38.73
C PRO A 85 6.27 -9.75 -38.29
N ALA A 86 5.86 -9.50 -37.07
CA ALA A 86 4.57 -9.99 -36.56
C ALA A 86 3.42 -9.55 -37.46
N GLY A 87 2.44 -10.42 -37.64
CA GLY A 87 1.24 -10.06 -38.41
C GLY A 87 0.28 -9.22 -37.58
N LYS A 88 -0.79 -8.73 -38.20
CA LYS A 88 -1.61 -7.61 -37.62
C LYS A 88 -2.19 -7.94 -36.25
N ASP A 89 -2.50 -9.22 -36.01
CA ASP A 89 -3.12 -9.64 -34.74
C ASP A 89 -2.17 -10.29 -33.72
N ASN A 90 -0.89 -10.35 -34.07
CA ASN A 90 0.18 -10.78 -33.19
C ASN A 90 0.82 -9.53 -32.58
N HIS A 91 0.50 -9.23 -31.33
CA HIS A 91 1.04 -8.05 -30.65
C HIS A 91 2.20 -8.33 -29.71
N GLY A 92 2.57 -9.60 -29.59
CA GLY A 92 3.56 -10.02 -28.60
C GLY A 92 3.01 -10.23 -27.21
N VAL A 94 2.42 -9.33 -23.17
CA VAL A 94 2.03 -8.17 -22.39
C VAL A 94 3.21 -7.73 -21.46
N LEU A 95 3.46 -6.43 -21.48
CA LEU A 95 4.49 -5.78 -20.71
C LEU A 95 3.89 -4.72 -19.80
N VAL A 96 4.63 -4.41 -18.74
CA VAL A 96 4.34 -3.24 -17.91
C VAL A 96 4.58 -1.96 -18.76
N ASP A 97 3.71 -0.97 -18.59
CA ASP A 97 3.81 0.33 -19.21
C ASP A 97 3.76 1.38 -18.11
N GLY A 98 4.94 1.91 -17.78
CA GLY A 98 5.14 2.84 -16.69
C GLY A 98 4.81 2.30 -15.33
N GLU A 99 4.19 3.13 -14.46
CA GLU A 99 3.94 2.69 -13.09
C GLU A 99 2.59 2.00 -12.89
N HIS A 100 1.65 2.14 -13.83
CA HIS A 100 0.28 1.73 -13.55
C HIS A 100 -0.40 0.85 -14.58
N ASN A 101 0.16 0.75 -15.77
CA ASN A 101 -0.60 0.18 -16.86
C ASN A 101 0.16 -0.94 -17.61
N PHE A 102 -0.45 -1.42 -18.69
CA PHE A 102 0.12 -2.46 -19.52
C PHE A 102 0.01 -2.11 -20.98
N LYS A 103 0.93 -2.68 -21.77
CA LYS A 103 0.90 -2.62 -23.22
C LYS A 103 1.43 -3.93 -23.76
N TYR A 104 0.93 -4.34 -24.91
CA TYR A 104 1.59 -5.38 -25.67
C TYR A 104 2.94 -4.92 -26.17
N ALA A 105 3.81 -5.87 -26.43
CA ALA A 105 5.15 -5.59 -26.96
C ALA A 105 5.13 -4.73 -28.22
N ASP A 106 4.08 -4.79 -29.04
CA ASP A 106 4.03 -3.94 -30.23
C ASP A 106 3.50 -2.52 -29.95
N GLY A 107 3.26 -2.17 -28.69
CA GLY A 107 2.79 -0.81 -28.31
C GLY A 107 1.28 -0.70 -28.16
N THR A 108 0.53 -1.73 -28.56
CA THR A 108 -0.92 -1.78 -28.40
C THR A 108 -1.29 -1.76 -26.91
N ARG A 109 -2.30 -0.97 -26.52
CA ARG A 109 -2.75 -0.92 -25.15
C ARG A 109 -3.37 -2.26 -24.73
N TYR A 110 -3.11 -2.69 -23.48
CA TYR A 110 -3.77 -3.87 -22.93
C TYR A 110 -4.40 -3.50 -21.60
N TYR A 111 -5.70 -3.80 -21.43
CA TYR A 111 -6.39 -3.63 -20.15
C TYR A 111 -6.84 -5.03 -19.72
N PRO A 112 -6.31 -5.60 -18.63
CA PRO A 112 -6.73 -6.93 -18.21
C PRO A 112 -8.20 -6.93 -17.67
N GLY A 114 -10.20 -9.88 -16.94
CA GLY A 114 -10.13 -11.33 -16.84
C GLY A 114 -11.25 -11.99 -16.10
N THR A 115 -11.27 -13.31 -16.25
CA THR A 115 -12.13 -14.19 -15.46
C THR A 115 -11.32 -15.25 -14.73
N THR A 116 -12.04 -16.21 -14.11
CA THR A 116 -11.53 -17.21 -13.23
C THR A 116 -12.06 -18.60 -13.65
N ALA A 117 -11.15 -19.50 -13.92
CA ALA A 117 -11.51 -20.91 -14.21
C ALA A 117 -10.40 -21.82 -13.73
N TYR A 118 -10.33 -21.95 -12.43
CA TYR A 118 -9.10 -22.48 -11.82
C TYR A 118 -8.64 -23.83 -12.36
N ALA A 119 -9.56 -24.78 -12.53
CA ALA A 119 -9.18 -26.13 -12.88
C ALA A 119 -9.78 -26.60 -14.20
N TRP A 120 -10.04 -25.63 -15.10
CA TRP A 120 -10.71 -25.93 -16.33
C TRP A 120 -9.93 -26.91 -17.19
N THR A 121 -8.57 -26.90 -17.10
CA THR A 121 -7.77 -27.86 -17.87
C THR A 121 -7.73 -29.29 -17.31
N HIS A 122 -8.41 -29.51 -16.18
CA HIS A 122 -8.42 -30.80 -15.48
C HIS A 122 -9.77 -31.49 -15.56
N LYS A 124 -13.27 -33.10 -17.75
CA LYS A 124 -13.46 -33.98 -18.89
C LYS A 124 -13.52 -33.15 -20.16
N GLU A 125 -13.27 -33.82 -21.29
CA GLU A 125 -13.07 -33.13 -22.60
C GLU A 125 -14.27 -32.30 -23.02
N THR A 126 -15.48 -32.83 -22.87
CA THR A 126 -16.67 -32.08 -23.26
C THR A 126 -16.82 -30.78 -22.45
N THR A 127 -16.43 -30.79 -21.17
CA THR A 127 -16.46 -29.58 -20.35
C THR A 127 -15.38 -28.58 -20.80
N GLN A 128 -14.20 -29.07 -21.14
CA GLN A 128 -13.13 -28.22 -21.65
C GLN A 128 -13.54 -27.50 -22.96
N GLU A 129 -14.22 -28.24 -23.84
CA GLU A 129 -14.70 -27.66 -25.09
CA GLU A 129 -14.70 -27.66 -25.09
C GLU A 129 -15.78 -26.62 -24.83
N ALA A 130 -16.66 -26.91 -23.86
CA ALA A 130 -17.65 -25.90 -23.44
C ALA A 130 -17.00 -24.63 -22.93
N THR A 131 -15.90 -24.77 -22.20
CA THR A 131 -15.19 -23.65 -21.62
C THR A 131 -14.59 -22.79 -22.76
N LEU A 132 -13.99 -23.44 -23.74
CA LEU A 132 -13.49 -22.71 -24.90
C LEU A 132 -14.58 -21.96 -25.63
N LYS A 133 -15.75 -22.57 -25.79
CA LYS A 133 -16.88 -21.89 -26.38
C LYS A 133 -17.29 -20.65 -25.58
N SER A 134 -17.35 -20.77 -24.24
CA SER A 134 -17.69 -19.66 -23.38
C SER A 134 -16.67 -18.53 -23.51
N PHE A 135 -15.38 -18.89 -23.51
CA PHE A 135 -14.32 -17.90 -23.68
C PHE A 135 -14.45 -17.15 -25.03
N GLY A 136 -14.83 -17.87 -26.08
CA GLY A 136 -15.07 -17.29 -27.40
C GLY A 136 -16.21 -16.31 -27.45
N GLU A 137 -17.25 -16.54 -26.64
CA GLU A 137 -18.40 -15.66 -26.59
C GLU A 137 -18.29 -14.48 -25.65
N ALA A 138 -17.50 -14.63 -24.59
CA ALA A 138 -17.47 -13.66 -23.50
C ALA A 138 -16.45 -12.59 -23.91
N GLY A 139 -16.34 -11.52 -23.17
CA GLY A 139 -15.30 -10.58 -23.59
C GLY A 139 -14.00 -10.63 -22.82
N PHE A 140 -13.70 -11.73 -22.11
CA PHE A 140 -12.54 -11.72 -21.21
C PHE A 140 -11.23 -11.88 -22.00
N ASN A 141 -10.19 -11.17 -21.58
CA ASN A 141 -8.88 -11.31 -22.22
C ASN A 141 -7.81 -11.80 -21.24
N LYS A 142 -8.20 -12.45 -20.15
CA LYS A 142 -7.29 -13.11 -19.23
C LYS A 142 -8.09 -14.16 -18.45
N VAL A 143 -7.41 -15.21 -18.07
CA VAL A 143 -8.02 -16.23 -17.21
CA VAL A 143 -8.01 -16.27 -17.24
C VAL A 143 -7.01 -16.71 -16.20
N ARG A 144 -7.45 -16.74 -14.96
CA ARG A 144 -6.68 -17.34 -13.88
C ARG A 144 -6.95 -18.83 -13.94
N CYS A 146 -5.03 -22.89 -12.87
CA CYS A 146 -4.03 -23.67 -12.14
C CYS A 146 -3.42 -24.73 -12.99
N VAL A 147 -2.11 -24.83 -12.92
CA VAL A 147 -1.37 -25.89 -13.57
C VAL A 147 -1.72 -27.19 -12.92
N PHE A 148 -1.56 -27.25 -11.62
CA PHE A 148 -1.85 -28.48 -10.90
C PHE A 148 -3.36 -28.56 -10.65
N PRO A 149 -3.91 -29.79 -10.60
CA PRO A 149 -5.34 -29.94 -10.31
C PRO A 149 -5.76 -29.42 -8.93
N LYS A 150 -7.05 -29.14 -8.83
CA LYS A 150 -7.71 -28.52 -7.70
C LYS A 150 -8.63 -29.54 -7.00
N ASN A 151 -8.38 -29.70 -5.71
CA ASN A 151 -9.19 -30.46 -4.78
C ASN A 151 -9.85 -29.43 -3.86
N TYR A 152 -11.18 -29.35 -3.87
CA TYR A 152 -11.86 -28.32 -3.08
C TYR A 152 -13.31 -28.68 -2.88
N SER A 153 -13.96 -28.00 -1.93
CA SER A 153 -15.44 -28.08 -1.84
CA SER A 153 -15.44 -28.05 -1.83
C SER A 153 -16.03 -27.89 -3.24
N LEU A 154 -16.87 -28.84 -3.67
CA LEU A 154 -17.55 -28.81 -4.99
C LEU A 154 -16.66 -29.15 -6.18
N VAL A 155 -15.37 -29.43 -5.95
CA VAL A 155 -14.41 -29.71 -7.02
C VAL A 155 -13.65 -30.97 -6.66
N LYS A 156 -14.23 -32.12 -7.05
CA LYS A 156 -13.74 -33.40 -6.67
C LYS A 156 -13.43 -34.31 -7.84
N ASP A 157 -13.56 -33.81 -9.06
CA ASP A 157 -13.35 -34.63 -10.27
C ASP A 157 -11.90 -35.13 -10.31
N GLU A 158 -11.67 -36.43 -10.54
CA GLU A 158 -10.31 -36.95 -10.61
C GLU A 158 -9.74 -36.57 -11.99
N PRO A 159 -8.58 -35.88 -12.03
CA PRO A 159 -7.93 -35.64 -13.33
C PRO A 159 -7.55 -36.92 -14.06
N ALA A 160 -7.54 -36.86 -15.39
CA ALA A 160 -7.08 -37.97 -16.25
C ALA A 160 -5.57 -37.92 -16.41
N LEU A 161 -4.98 -36.73 -16.31
CA LEU A 161 -3.52 -36.56 -16.48
C LEU A 161 -2.93 -35.92 -15.25
N TYR A 162 -1.69 -36.29 -14.96
CA TYR A 162 -0.97 -35.76 -13.81
C TYR A 162 0.41 -35.32 -14.24
N PRO A 163 1.04 -34.45 -13.46
CA PRO A 163 2.33 -33.91 -13.90
C PRO A 163 3.52 -34.83 -13.79
N PHE A 164 3.40 -35.91 -13.01
CA PHE A 164 4.48 -36.85 -12.77
C PHE A 164 4.00 -38.26 -13.13
N GLU A 165 4.95 -39.13 -13.46
CA GLU A 165 4.69 -40.56 -13.54
C GLU A 165 4.31 -41.10 -12.15
N ILE A 166 3.54 -42.15 -12.15
CA ILE A 166 3.14 -42.88 -10.93
C ILE A 166 4.21 -43.92 -10.66
N GLU A 167 4.88 -43.88 -9.50
CA GLU A 167 5.87 -44.92 -9.17
C GLU A 167 5.14 -46.21 -8.78
N LYS A 168 4.09 -46.09 -7.98
CA LYS A 168 3.23 -47.22 -7.59
C LYS A 168 1.94 -46.73 -6.98
N THR A 169 0.92 -47.60 -6.97
CA THR A 169 -0.39 -47.33 -6.31
C THR A 169 -0.47 -48.21 -5.06
N ILE A 170 -0.86 -47.63 -3.93
CA ILE A 170 -0.99 -48.39 -2.67
C ILE A 170 -2.42 -48.30 -2.09
N LYS A 171 -2.86 -49.35 -1.39
CA LYS A 171 -4.06 -49.27 -0.51
C LYS A 171 -3.62 -48.50 0.76
N ASP A 172 -4.37 -47.45 1.12
CA ASP A 172 -3.89 -46.44 2.10
C ASP A 172 -4.35 -46.69 3.55
N LYS A 173 -4.15 -45.67 4.41
CA LYS A 173 -4.63 -45.68 5.82
C LYS A 173 -6.07 -46.16 5.94
N GLU A 174 -6.96 -45.51 5.20
CA GLU A 174 -8.40 -45.81 5.24
C GLU A 174 -8.88 -46.77 4.11
N GLY A 175 -8.01 -47.71 3.69
CA GLY A 175 -8.37 -48.74 2.69
C GLY A 175 -8.28 -48.41 1.20
N ASN A 176 -8.29 -47.11 0.86
CA ASN A 176 -8.44 -46.63 -0.54
C ASN A 176 -7.16 -46.57 -1.37
N GLU A 177 -7.32 -46.52 -2.70
CA GLU A 177 -6.19 -46.43 -3.62
C GLU A 177 -5.60 -45.02 -3.65
N ARG A 178 -4.28 -44.99 -3.83
CA ARG A 178 -3.45 -43.83 -3.51
C ARG A 178 -2.19 -43.91 -4.39
N LYS A 179 -2.01 -42.92 -5.26
CA LYS A 179 -0.86 -42.90 -6.18
C LYS A 179 0.37 -42.29 -5.52
N GLU A 180 1.51 -42.98 -5.59
CA GLU A 180 2.83 -42.46 -5.16
CA GLU A 180 2.77 -42.39 -5.17
C GLU A 180 3.56 -42.00 -6.42
N TRP A 181 3.99 -40.74 -6.46
CA TRP A 181 4.55 -40.14 -7.66
C TRP A 181 6.03 -40.49 -7.76
N ASP A 182 6.51 -40.63 -8.99
CA ASP A 182 7.95 -40.57 -9.23
C ASP A 182 8.21 -39.10 -9.56
N PHE A 183 8.70 -38.37 -8.57
CA PHE A 183 8.90 -36.93 -8.74
C PHE A 183 10.09 -36.61 -9.65
N ASP A 184 10.89 -37.60 -9.98
CA ASP A 184 12.00 -37.43 -10.92
C ASP A 184 11.60 -37.57 -12.40
N ARG A 185 10.34 -37.92 -12.69
CA ARG A 185 9.89 -38.11 -14.06
C ARG A 185 8.57 -37.41 -14.28
N PHE A 186 8.58 -36.35 -15.13
CA PHE A 186 7.34 -35.69 -15.53
C PHE A 186 6.58 -36.57 -16.50
N ASP A 187 5.27 -36.36 -16.60
CA ASP A 187 4.49 -36.94 -17.66
C ASP A 187 4.34 -35.86 -18.74
N PRO A 188 5.05 -35.98 -19.87
CA PRO A 188 4.97 -34.96 -20.93
C PRO A 188 3.55 -34.70 -21.46
N ALA A 189 2.71 -35.72 -21.48
CA ALA A 189 1.31 -35.59 -21.94
C ALA A 189 0.52 -34.53 -21.17
N PHE A 190 0.76 -34.42 -19.87
CA PHE A 190 0.13 -33.44 -19.01
C PHE A 190 0.47 -32.01 -19.52
N PHE A 191 1.77 -31.80 -19.81
CA PHE A 191 2.24 -30.47 -20.22
C PHE A 191 1.84 -30.19 -21.65
N GLN A 192 1.84 -31.22 -22.50
CA GLN A 192 1.39 -31.08 -23.90
C GLN A 192 -0.09 -30.67 -23.94
N HIS A 193 -0.89 -31.23 -23.05
CA HIS A 193 -2.29 -30.82 -22.96
C HIS A 193 -2.45 -29.37 -22.55
N LEU A 194 -1.72 -28.97 -21.55
CA LEU A 194 -1.72 -27.60 -21.06
C LEU A 194 -1.32 -26.61 -22.18
N GLU A 195 -0.28 -26.95 -22.91
CA GLU A 195 0.17 -26.17 -24.06
C GLU A 195 -0.91 -26.03 -25.15
N LYS A 196 -1.60 -27.13 -25.48
CA LYS A 196 -2.70 -27.07 -26.45
CA LYS A 196 -2.70 -27.07 -26.45
C LYS A 196 -3.73 -26.03 -26.03
N ARG A 197 -4.12 -26.08 -24.76
CA ARG A 197 -5.10 -25.10 -24.23
C ARG A 197 -4.61 -23.65 -24.17
N ILE A 198 -3.36 -23.45 -23.80
CA ILE A 198 -2.78 -22.11 -23.76
C ILE A 198 -2.75 -21.52 -25.19
N ASP A 199 -2.40 -22.33 -26.18
CA ASP A 199 -2.41 -21.91 -27.59
C ASP A 199 -3.81 -21.55 -28.07
N GLN A 200 -4.81 -22.36 -27.67
CA GLN A 200 -6.21 -22.01 -27.99
C GLN A 200 -6.64 -20.68 -27.37
N LEU A 201 -6.25 -20.43 -26.12
CA LEU A 201 -6.48 -19.12 -25.52
C LEU A 201 -5.80 -18.02 -26.33
N ASN A 202 -4.56 -18.29 -26.73
CA ASN A 202 -3.82 -17.29 -27.52
C ASN A 202 -4.57 -16.86 -28.80
N ARG A 203 -5.12 -17.85 -29.51
CA ARG A 203 -5.92 -17.57 -30.71
C ARG A 203 -7.21 -16.84 -30.41
N LEU A 204 -7.73 -16.95 -29.18
CA LEU A 204 -8.89 -16.16 -28.76
C LEU A 204 -8.52 -14.78 -28.21
N GLY A 205 -7.22 -14.46 -28.12
CA GLY A 205 -6.78 -13.20 -27.55
C GLY A 205 -6.77 -13.16 -26.06
N ILE A 206 -6.58 -14.30 -25.42
CA ILE A 206 -6.70 -14.41 -23.95
C ILE A 206 -5.35 -14.75 -23.34
N GLU A 207 -4.98 -14.01 -22.31
CA GLU A 207 -3.75 -14.21 -21.56
C GLU A 207 -4.03 -15.34 -20.55
N ALA A 208 -3.10 -16.26 -20.43
CA ALA A 208 -3.17 -17.39 -19.55
C ALA A 208 -2.37 -17.04 -18.28
N ASP A 209 -3.08 -16.65 -17.24
CA ASP A 209 -2.49 -16.27 -15.94
C ASP A 209 -2.29 -17.53 -15.14
N LEU A 210 -1.09 -18.07 -15.26
CA LEU A 210 -0.84 -19.48 -14.87
C LEU A 210 -0.44 -19.55 -13.44
N ILE A 211 -1.26 -20.21 -12.62
CA ILE A 211 -1.00 -20.39 -11.20
C ILE A 211 -0.12 -21.62 -11.01
N LEU A 212 1.12 -21.38 -10.62
CA LEU A 212 2.14 -22.42 -10.59
C LEU A 212 1.99 -23.36 -9.38
N PHE A 213 1.55 -22.80 -8.28
CA PHE A 213 1.35 -23.50 -7.02
C PHE A 213 0.06 -23.03 -6.34
N HIS A 214 -0.53 -23.89 -5.52
CA HIS A 214 -1.74 -23.51 -4.81
C HIS A 214 -2.01 -24.50 -3.64
N PRO A 215 -2.98 -24.19 -2.75
CA PRO A 215 -3.22 -25.02 -1.56
C PRO A 215 -4.34 -26.06 -1.71
N TYR A 216 -4.93 -26.16 -2.90
CA TYR A 216 -6.16 -26.93 -3.13
C TYR A 216 -5.82 -28.37 -3.45
N ASP A 217 -5.35 -29.04 -2.41
CA ASP A 217 -4.75 -30.37 -2.56
C ASP A 217 -4.80 -31.00 -1.18
N LYS A 218 -3.94 -30.56 -0.26
CA LYS A 218 -3.97 -30.95 1.16
C LYS A 218 -3.92 -32.44 1.30
N GLY A 219 -2.97 -33.04 0.59
CA GLY A 219 -2.75 -34.49 0.71
C GLY A 219 -3.47 -35.39 -0.25
N ARG A 220 -4.38 -34.88 -1.06
CA ARG A 220 -5.03 -35.73 -2.06
C ARG A 220 -4.05 -36.25 -3.09
N TRP A 221 -3.24 -35.35 -3.61
CA TRP A 221 -2.12 -35.72 -4.47
C TRP A 221 -0.75 -35.33 -3.87
N GLY A 222 -0.67 -34.23 -3.14
CA GLY A 222 0.59 -33.84 -2.52
C GLY A 222 1.42 -32.88 -3.34
N PHE A 223 0.85 -32.30 -4.41
CA PHE A 223 1.61 -31.35 -5.26
C PHE A 223 1.87 -30.01 -4.60
N ASP A 224 1.22 -29.79 -3.44
CA ASP A 224 1.35 -28.58 -2.63
C ASP A 224 2.37 -28.68 -1.48
N ALA A 225 3.01 -29.82 -1.38
CA ALA A 225 3.92 -30.13 -0.29
C ALA A 225 5.16 -30.85 -0.78
N SER A 227 9.13 -31.32 -2.06
CA SER A 227 10.40 -30.74 -1.58
C SER A 227 10.81 -29.54 -2.45
N ASN A 228 11.65 -28.64 -1.92
CA ASN A 228 12.08 -27.51 -2.76
C ASN A 228 12.94 -27.96 -3.94
N GLU A 229 13.60 -29.10 -3.82
CA GLU A 229 14.39 -29.63 -4.94
C GLU A 229 13.42 -30.01 -6.07
N VAL A 230 12.32 -30.68 -5.72
CA VAL A 230 11.29 -31.00 -6.71
C VAL A 230 10.58 -29.75 -7.24
N ASN A 231 10.24 -28.81 -6.35
CA ASN A 231 9.60 -27.56 -6.76
C ASN A 231 10.47 -26.81 -7.83
N VAL A 232 11.79 -26.81 -7.61
CA VAL A 232 12.71 -26.13 -8.49
C VAL A 232 12.84 -26.87 -9.83
N ARG A 233 12.94 -28.21 -9.77
CA ARG A 233 12.96 -29.02 -10.98
C ARG A 233 11.69 -28.75 -11.85
N TYR A 234 10.54 -28.72 -11.20
CA TYR A 234 9.27 -28.39 -11.87
C TYR A 234 9.27 -27.00 -12.50
N ILE A 235 9.71 -26.01 -11.72
CA ILE A 235 9.79 -24.64 -12.24
C ILE A 235 10.70 -24.60 -13.49
N LYS A 236 11.86 -25.23 -13.40
CA LYS A 236 12.81 -25.23 -14.51
C LYS A 236 12.22 -25.87 -15.77
N TYR A 237 11.49 -26.95 -15.55
CA TYR A 237 10.82 -27.68 -16.62
C TYR A 237 9.69 -26.90 -17.26
N ILE A 238 8.79 -26.35 -16.45
CA ILE A 238 7.61 -25.67 -17.01
C ILE A 238 8.03 -24.36 -17.71
N THR A 239 9.06 -23.69 -17.18
CA THR A 239 9.57 -22.46 -17.83
C THR A 239 10.26 -22.80 -19.16
N ALA A 240 11.03 -23.91 -19.20
CA ALA A 240 11.66 -24.36 -20.44
C ALA A 240 10.58 -24.64 -21.54
N ARG A 241 9.45 -25.17 -21.10
CA ARG A 241 8.37 -25.50 -21.98
C ARG A 241 7.57 -24.24 -22.39
N LEU A 242 7.19 -23.43 -21.42
CA LEU A 242 6.19 -22.37 -21.64
C LEU A 242 6.68 -20.94 -21.78
N ALA A 243 7.94 -20.66 -21.44
CA ALA A 243 8.38 -19.27 -21.48
C ALA A 243 8.33 -18.70 -22.93
N SER A 244 8.43 -19.57 -23.94
CA SER A 244 8.27 -19.17 -25.34
C SER A 244 6.84 -18.82 -25.75
N PHE A 245 5.84 -19.13 -24.90
CA PHE A 245 4.41 -18.90 -25.22
C PHE A 245 4.09 -17.46 -24.79
N ARG A 246 3.85 -16.58 -25.76
CA ARG A 246 3.80 -15.16 -25.46
C ARG A 246 2.66 -14.73 -24.50
N ASN A 247 1.54 -15.45 -24.50
CA ASN A 247 0.38 -15.09 -23.73
C ASN A 247 0.35 -15.61 -22.28
N VAL A 248 1.48 -16.06 -21.78
CA VAL A 248 1.59 -16.62 -20.42
C VAL A 248 1.98 -15.51 -19.45
N TRP A 249 1.34 -15.51 -18.27
CA TRP A 249 1.84 -14.74 -17.14
C TRP A 249 2.11 -15.77 -16.05
N TRP A 250 3.12 -15.52 -15.25
CA TRP A 250 3.39 -16.35 -14.05
C TRP A 250 2.61 -15.81 -12.86
N SER A 251 1.78 -16.67 -12.28
CA SER A 251 1.25 -16.43 -10.96
C SER A 251 1.86 -17.46 -10.02
N ALA A 253 1.40 -18.13 -6.96
CA ALA A 253 0.39 -18.87 -6.20
C ALA A 253 -0.95 -18.21 -6.20
N ASN A 254 -1.96 -19.02 -5.93
CA ASN A 254 -3.26 -18.54 -5.49
C ASN A 254 -3.32 -18.85 -4.01
N GLU A 255 -3.72 -17.89 -3.18
CA GLU A 255 -3.77 -18.03 -1.73
C GLU A 255 -2.48 -18.60 -1.15
N TRP A 256 -1.38 -17.92 -1.46
CA TRP A 256 -0.06 -18.36 -1.01
C TRP A 256 0.00 -18.71 0.47
N ASP A 257 -0.63 -17.88 1.29
CA ASP A 257 -0.51 -17.98 2.75
C ASP A 257 -1.31 -19.15 3.32
N TYR A 258 -2.11 -19.83 2.48
CA TYR A 258 -2.76 -21.11 2.88
C TYR A 258 -1.99 -22.36 2.53
N VAL A 259 -0.84 -22.21 1.84
CA VAL A 259 0.02 -23.33 1.55
C VAL A 259 0.93 -23.56 2.74
N LYS A 260 0.51 -24.44 3.65
CA LYS A 260 1.19 -24.61 4.93
C LYS A 260 2.57 -25.19 4.82
N ALA A 261 2.89 -25.95 3.78
CA ALA A 261 4.23 -26.52 3.62
C ALA A 261 5.29 -25.47 3.21
N LYS A 262 4.90 -24.27 2.81
CA LYS A 262 5.80 -23.25 2.28
C LYS A 262 5.85 -22.00 3.17
N THR A 263 7.07 -21.52 3.41
CA THR A 263 7.31 -20.30 4.18
C THR A 263 7.44 -19.13 3.20
N VAL A 264 7.47 -17.91 3.72
CA VAL A 264 7.73 -16.75 2.90
C VAL A 264 9.09 -16.91 2.17
N ASP A 265 10.10 -17.39 2.86
CA ASP A 265 11.41 -17.64 2.23
C ASP A 265 11.32 -18.65 1.09
N ASP A 266 10.50 -19.70 1.23
CA ASP A 266 10.30 -20.62 0.14
C ASP A 266 9.71 -19.86 -1.05
N TRP A 267 8.69 -19.05 -0.81
CA TRP A 267 8.07 -18.31 -1.92
C TRP A 267 9.08 -17.38 -2.64
N LYS A 268 9.96 -16.74 -1.88
CA LYS A 268 10.99 -15.84 -2.50
C LYS A 268 11.96 -16.64 -3.34
N LEU A 269 12.36 -17.81 -2.85
CA LEU A 269 13.21 -18.73 -3.59
C LEU A 269 12.53 -19.18 -4.90
N LEU A 270 11.27 -19.64 -4.78
CA LEU A 270 10.55 -20.16 -5.95
C LEU A 270 10.37 -19.04 -6.98
N THR A 271 10.11 -17.83 -6.52
CA THR A 271 9.88 -16.69 -7.40
C THR A 271 11.17 -16.34 -8.15
N LYS A 272 12.28 -16.30 -7.41
CA LYS A 272 13.57 -16.02 -8.03
CA LYS A 272 13.57 -16.02 -8.03
C LYS A 272 13.90 -17.08 -9.05
N THR A 273 13.59 -18.35 -8.74
CA THR A 273 13.81 -19.43 -9.68
C THR A 273 13.02 -19.22 -11.00
N VAL A 274 11.76 -18.83 -10.91
CA VAL A 274 10.94 -18.54 -12.11
C VAL A 274 11.61 -17.46 -12.90
N VAL A 275 11.96 -16.36 -12.25
CA VAL A 275 12.47 -15.19 -12.98
C VAL A 275 13.80 -15.50 -13.64
N GLU A 276 14.66 -16.25 -12.95
CA GLU A 276 15.97 -16.65 -13.49
C GLU A 276 15.83 -17.61 -14.70
N ASN A 277 14.72 -18.34 -14.78
CA ASN A 277 14.50 -19.29 -15.86
C ASN A 277 13.54 -18.78 -16.93
N ASP A 278 13.29 -17.47 -16.94
CA ASP A 278 12.43 -16.84 -17.89
C ASP A 278 13.26 -15.90 -18.76
N PRO A 279 13.68 -16.37 -19.96
CA PRO A 279 14.53 -15.51 -20.82
C PRO A 279 13.87 -14.22 -21.33
N TYR A 280 12.54 -14.13 -21.25
CA TYR A 280 11.79 -13.08 -21.96
C TYR A 280 11.10 -12.07 -21.04
N ARG A 281 11.03 -12.36 -19.74
CA ARG A 281 10.45 -11.48 -18.73
C ARG A 281 8.93 -11.31 -18.92
N HIS A 282 8.21 -12.40 -18.69
CA HIS A 282 6.77 -12.34 -18.59
C HIS A 282 6.37 -11.65 -17.30
N LEU A 283 5.11 -11.20 -17.28
CA LEU A 283 4.51 -10.72 -16.07
C LEU A 283 4.55 -11.80 -14.99
N CYS A 284 4.72 -11.36 -13.76
CA CYS A 284 4.92 -12.24 -12.59
C CYS A 284 4.31 -11.59 -11.34
N SER A 285 3.40 -12.30 -10.65
CA SER A 285 2.92 -11.84 -9.36
C SER A 285 2.55 -13.06 -8.50
N ILE A 286 1.85 -12.80 -7.41
CA ILE A 286 1.51 -13.83 -6.44
C ILE A 286 0.23 -13.31 -5.75
N HIS A 287 -0.71 -14.22 -5.52
CA HIS A 287 -2.05 -13.95 -4.99
C HIS A 287 -2.13 -14.59 -3.60
N GLY A 288 -2.81 -13.87 -2.70
CA GLY A 288 -2.96 -14.35 -1.31
C GLY A 288 -4.39 -14.55 -0.84
N ALA A 289 -4.53 -14.92 0.43
CA ALA A 289 -5.82 -14.92 1.11
C ALA A 289 -6.39 -13.50 1.16
N THR A 290 -7.66 -13.42 1.53
CA THR A 290 -8.34 -12.10 1.61
C THR A 290 -7.55 -11.10 2.44
N ALA A 291 -7.19 -9.97 1.84
CA ALA A 291 -6.47 -8.89 2.54
C ALA A 291 -5.04 -9.24 2.97
N THR A 292 -4.47 -10.28 2.33
CA THR A 292 -3.07 -10.64 2.53
C THR A 292 -2.28 -9.97 1.41
N TYR A 293 -1.23 -9.21 1.80
CA TYR A 293 -0.38 -8.48 0.85
C TYR A 293 1.06 -8.97 1.06
N PHE A 294 1.55 -9.71 0.08
CA PHE A 294 2.96 -10.05 -0.06
C PHE A 294 3.82 -8.76 -0.25
N ASP A 295 5.15 -8.91 -0.18
CA ASP A 295 6.08 -7.82 -0.51
CA ASP A 295 6.10 -7.83 -0.52
C ASP A 295 6.16 -7.63 -2.05
N TYR A 296 5.15 -6.97 -2.58
CA TYR A 296 5.02 -6.75 -4.03
C TYR A 296 6.10 -5.80 -4.58
N TRP A 297 6.74 -5.07 -3.68
CA TRP A 297 7.84 -4.16 -4.02
CA TRP A 297 7.83 -4.17 -4.08
C TRP A 297 9.10 -4.91 -4.46
N PRO A 299 11.62 -6.73 -6.75
CA PRO A 299 11.75 -6.48 -8.21
C PRO A 299 11.33 -7.63 -9.07
N GLU A 300 11.26 -8.84 -8.51
CA GLU A 300 10.77 -9.96 -9.26
C GLU A 300 9.34 -9.78 -9.73
N PHE A 301 8.52 -9.07 -8.97
CA PHE A 301 7.13 -8.91 -9.34
C PHE A 301 6.88 -7.73 -10.26
N THR A 302 6.14 -7.96 -11.34
CA THR A 302 5.77 -6.89 -12.30
C THR A 302 4.56 -6.08 -11.86
N HIS A 303 3.70 -6.69 -11.06
CA HIS A 303 2.41 -6.09 -10.72
C HIS A 303 1.90 -6.72 -9.44
N VAL A 304 0.83 -6.12 -8.93
CA VAL A 304 0.12 -6.51 -7.75
C VAL A 304 -1.11 -7.35 -8.16
N SER A 305 -1.26 -8.54 -7.54
CA SER A 305 -2.36 -9.49 -7.84
C SER A 305 -2.96 -9.89 -6.50
N ILE A 306 -4.13 -9.33 -6.15
CA ILE A 306 -4.66 -9.47 -4.81
C ILE A 306 -6.09 -10.01 -4.75
N GLN A 307 -6.34 -10.70 -3.63
CA GLN A 307 -7.69 -11.07 -3.22
C GLN A 307 -8.06 -10.12 -2.12
N ASP A 308 -8.93 -9.18 -2.41
CA ASP A 308 -9.43 -8.22 -1.40
C ASP A 308 -10.51 -7.38 -2.02
N GLU A 309 -11.73 -7.43 -1.48
CA GLU A 309 -12.76 -6.53 -1.99
C GLU A 309 -12.59 -5.09 -1.51
N ALA A 310 -11.83 -4.88 -0.45
CA ALA A 310 -11.71 -3.51 0.13
C ALA A 310 -11.34 -2.45 -0.89
N PRO A 311 -10.32 -2.69 -1.71
CA PRO A 311 -9.95 -1.64 -2.70
C PRO A 311 -10.99 -1.33 -3.72
N VAL A 312 -11.94 -2.25 -3.98
CA VAL A 312 -13.01 -1.96 -4.94
C VAL A 312 -14.32 -1.51 -4.29
N LEU A 313 -14.31 -1.27 -2.99
CA LEU A 313 -15.49 -0.71 -2.36
C LEU A 313 -15.73 0.73 -2.82
N SER A 314 -14.68 1.38 -3.30
CA SER A 314 -14.75 2.72 -3.91
C SER A 314 -13.61 2.86 -4.89
N SER A 315 -13.82 3.72 -5.89
CA SER A 315 -12.74 4.03 -6.82
C SER A 315 -11.52 4.70 -6.15
N THR A 316 -11.76 5.54 -5.15
CA THR A 316 -10.68 6.20 -4.46
C THR A 316 -9.81 5.20 -3.73
N ALA A 317 -10.41 4.17 -3.12
CA ALA A 317 -9.64 3.15 -2.48
C ALA A 317 -8.73 2.39 -3.43
N SER A 318 -9.23 2.17 -4.64
CA SER A 318 -8.43 1.58 -5.71
C SER A 318 -7.26 2.51 -6.09
N ALA A 319 -7.58 3.78 -6.21
CA ALA A 319 -6.58 4.81 -6.62
C ALA A 319 -5.39 4.89 -5.62
N THR A 320 -5.69 4.73 -4.34
CA THR A 320 -4.64 4.78 -3.32
C THR A 320 -3.61 3.73 -3.58
N LEU A 321 -4.06 2.49 -3.91
CA LEU A 321 -3.11 1.43 -4.19
C LEU A 321 -2.11 1.73 -5.30
N ARG A 322 -2.56 2.42 -6.33
CA ARG A 322 -1.68 2.79 -7.41
C ARG A 322 -0.49 3.66 -6.93
N LYS A 323 -0.78 4.59 -6.02
CA LYS A 323 0.21 5.48 -5.47
C LYS A 323 1.17 4.77 -4.51
N ILE A 324 0.64 3.80 -3.74
CA ILE A 324 1.42 3.02 -2.81
C ILE A 324 2.47 2.15 -3.51
N TYR A 325 2.03 1.45 -4.54
CA TYR A 325 2.88 0.42 -5.17
C TYR A 325 3.67 0.91 -6.37
N ARG A 326 3.09 1.84 -7.14
CA ARG A 326 3.65 2.30 -8.39
CA ARG A 326 3.66 2.32 -8.38
C ARG A 326 4.08 1.13 -9.30
N LYS A 327 3.26 0.08 -9.30
CA LYS A 327 3.24 -1.03 -10.23
C LYS A 327 1.76 -1.24 -10.57
N PRO A 328 1.43 -1.81 -11.75
CA PRO A 328 0.03 -2.00 -12.07
C PRO A 328 -0.64 -2.85 -10.96
N VAL A 329 -1.89 -2.53 -10.63
CA VAL A 329 -2.65 -3.24 -9.60
C VAL A 329 -3.82 -3.97 -10.22
N ILE A 330 -3.92 -5.26 -9.90
CA ILE A 330 -5.04 -6.03 -10.26
C ILE A 330 -5.67 -6.65 -9.01
N CYS A 331 -6.94 -6.35 -8.77
CA CYS A 331 -7.75 -7.07 -7.79
C CYS A 331 -8.21 -8.31 -8.54
N ASP A 332 -7.40 -9.34 -8.47
CA ASP A 332 -7.69 -10.57 -9.18
C ASP A 332 -8.80 -11.40 -8.57
N GLU A 333 -9.20 -11.05 -7.36
CA GLU A 333 -10.34 -11.71 -6.73
C GLU A 333 -11.00 -10.80 -5.72
N VAL A 334 -12.28 -10.53 -5.92
CA VAL A 334 -13.05 -9.60 -5.05
C VAL A 334 -14.39 -10.15 -4.63
N GLY A 335 -14.59 -11.46 -4.73
CA GLY A 335 -15.94 -12.02 -4.70
C GLY A 335 -16.35 -12.39 -6.14
N TYR A 336 -17.16 -13.44 -6.22
CA TYR A 336 -17.67 -13.99 -7.49
C TYR A 336 -19.21 -13.97 -7.51
N GLU A 337 -19.78 -13.71 -8.68
CA GLU A 337 -21.23 -13.76 -8.87
C GLU A 337 -21.64 -15.17 -8.78
N GLY A 338 -22.59 -15.48 -7.91
CA GLY A 338 -23.01 -16.85 -7.74
C GLY A 338 -24.05 -17.05 -6.68
N ASN A 339 -24.34 -18.32 -6.41
CA ASN A 339 -25.37 -18.72 -5.45
C ASN A 339 -24.81 -19.66 -4.35
N LEU A 340 -23.50 -19.67 -4.15
CA LEU A 340 -22.90 -20.59 -3.17
C LEU A 340 -23.15 -20.14 -1.72
N PRO A 341 -23.17 -21.06 -0.74
CA PRO A 341 -23.29 -20.64 0.65
C PRO A 341 -22.03 -19.79 1.14
N TYR A 342 -20.92 -19.90 0.43
CA TYR A 342 -19.67 -19.22 0.80
C TYR A 342 -19.67 -17.76 0.43
N ARG A 343 -19.18 -16.94 1.34
CA ARG A 343 -19.24 -15.52 1.14
C ARG A 343 -18.36 -14.99 -0.01
N TRP A 344 -17.43 -15.80 -0.52
CA TRP A 344 -16.61 -15.46 -1.68
C TRP A 344 -17.32 -15.75 -3.01
N GLY A 345 -18.47 -16.40 -2.96
CA GLY A 345 -19.13 -16.86 -4.20
C GLY A 345 -20.64 -16.58 -4.22
N ARG A 346 -21.05 -15.41 -3.72
CA ARG A 346 -22.46 -15.11 -3.60
CA ARG A 346 -22.47 -15.11 -3.60
C ARG A 346 -22.86 -13.71 -4.04
N LEU A 347 -22.02 -13.04 -4.81
CA LEU A 347 -22.36 -11.71 -5.27
C LEU A 347 -23.57 -11.77 -6.23
N SER A 348 -24.41 -10.72 -6.19
CA SER A 348 -25.34 -10.43 -7.26
C SER A 348 -24.55 -10.08 -8.51
N PRO A 349 -25.20 -10.27 -9.68
CA PRO A 349 -24.47 -9.79 -10.88
C PRO A 349 -24.21 -8.30 -10.89
N GLN A 350 -25.09 -7.54 -10.26
CA GLN A 350 -24.92 -6.06 -10.15
C GLN A 350 -23.70 -5.72 -9.29
N GLN A 351 -23.52 -6.42 -8.19
CA GLN A 351 -22.39 -6.12 -7.30
C GLN A 351 -21.06 -6.49 -7.94
N THR A 353 -20.49 -6.46 -11.09
CA THR A 353 -20.31 -5.42 -12.11
C THR A 353 -19.85 -4.08 -11.46
N CYS A 354 -20.45 -3.74 -10.33
CA CYS A 354 -20.11 -2.56 -9.56
C CYS A 354 -18.64 -2.56 -9.08
N PHE A 355 -18.19 -3.67 -8.51
CA PHE A 355 -16.78 -3.79 -8.10
C PHE A 355 -15.80 -3.62 -9.26
N ILE A 356 -16.10 -4.21 -10.41
CA ILE A 356 -15.21 -4.13 -11.59
C ILE A 356 -15.19 -2.68 -12.04
N LEU A 357 -16.38 -2.06 -12.09
CA LEU A 357 -16.50 -0.65 -12.53
C LEU A 357 -15.68 0.29 -11.60
N ASN A 358 -15.84 0.08 -10.29
CA ASN A 358 -15.15 0.91 -9.32
C ASN A 358 -13.64 0.85 -9.53
N GLY A 359 -13.09 -0.38 -9.65
CA GLY A 359 -11.66 -0.56 -9.85
C GLY A 359 -11.20 0.08 -11.13
N LEU A 360 -11.92 -0.18 -12.22
CA LEU A 360 -11.55 0.41 -13.52
C LEU A 360 -11.51 1.94 -13.43
N LEU A 361 -12.56 2.52 -12.88
CA LEU A 361 -12.65 3.98 -12.80
C LEU A 361 -11.60 4.56 -11.86
N GLY A 362 -11.15 3.79 -10.86
CA GLY A 362 -10.07 4.18 -10.01
C GLY A 362 -8.65 3.97 -10.55
N GLY A 363 -8.54 3.39 -11.75
CA GLY A 363 -7.25 3.16 -12.40
C GLY A 363 -6.57 1.81 -12.14
N ILE A 364 -7.32 0.85 -11.60
CA ILE A 364 -6.83 -0.49 -11.44
C ILE A 364 -7.66 -1.42 -12.32
N TYR A 365 -7.37 -2.72 -12.19
CA TYR A 365 -8.01 -3.73 -12.97
C TYR A 365 -8.62 -4.75 -12.02
N VAL A 366 -9.65 -5.43 -12.49
CA VAL A 366 -10.44 -6.32 -11.62
C VAL A 366 -10.86 -7.57 -12.37
N THR A 367 -10.64 -8.73 -11.76
CA THR A 367 -11.02 -9.98 -12.36
C THR A 367 -12.43 -10.39 -11.90
N HIS A 368 -13.18 -10.92 -12.87
CA HIS A 368 -14.51 -11.51 -12.70
C HIS A 368 -14.40 -12.96 -12.26
N GLY A 369 -15.43 -13.42 -11.57
CA GLY A 369 -15.71 -14.85 -11.46
C GLY A 369 -17.20 -15.12 -11.36
N GLU A 370 -17.63 -16.32 -11.75
CA GLU A 370 -19.00 -16.76 -11.56
CA GLU A 370 -18.98 -16.74 -11.45
C GLU A 370 -19.01 -18.20 -11.04
N CYS A 371 -19.97 -18.50 -10.15
CA CYS A 371 -20.13 -19.79 -9.53
C CYS A 371 -21.56 -20.04 -9.13
N TYR A 372 -22.33 -20.55 -10.09
CA TYR A 372 -23.71 -20.95 -9.88
C TYR A 372 -23.73 -22.45 -9.85
N GLN A 373 -24.09 -22.98 -8.69
CA GLN A 373 -24.29 -24.41 -8.54
C GLN A 373 -25.64 -24.77 -9.12
N GLN A 374 -25.66 -25.80 -9.96
CA GLN A 374 -26.93 -26.29 -10.56
C GLN A 374 -26.81 -27.80 -10.76
N GLY A 375 -27.34 -28.56 -9.82
CA GLY A 375 -27.19 -30.01 -9.82
C GLY A 375 -25.72 -30.41 -9.87
N ASN A 376 -25.36 -31.27 -10.82
CA ASN A 376 -23.98 -31.68 -11.04
C ASN A 376 -23.31 -30.99 -12.20
N GLU A 377 -23.89 -29.93 -12.68
CA GLU A 377 -23.29 -29.19 -13.76
C GLU A 377 -22.00 -28.53 -13.31
N PRO A 378 -21.03 -28.45 -14.22
CA PRO A 378 -19.81 -27.70 -13.90
C PRO A 378 -20.09 -26.27 -13.45
N ILE A 379 -19.32 -25.85 -12.45
CA ILE A 379 -19.42 -24.50 -11.91
C ILE A 379 -18.20 -23.74 -12.39
N PHE A 380 -18.45 -22.63 -13.10
CA PHE A 380 -17.41 -22.00 -13.93
C PHE A 380 -16.15 -21.66 -13.17
N TRP A 381 -16.25 -21.00 -12.01
CA TRP A 381 -15.05 -20.44 -11.33
C TRP A 381 -13.94 -21.47 -11.16
N ALA A 382 -14.32 -22.72 -10.89
CA ALA A 382 -13.37 -23.81 -10.79
C ALA A 382 -13.30 -24.77 -12.00
N GLN A 383 -14.42 -25.08 -12.61
CA GLN A 383 -14.50 -26.16 -13.57
C GLN A 383 -14.67 -25.71 -15.03
N GLY A 384 -14.85 -24.43 -15.25
CA GLY A 384 -15.30 -23.98 -16.57
C GLY A 384 -16.71 -24.44 -16.88
N GLY A 385 -16.96 -24.76 -18.14
CA GLY A 385 -18.29 -25.13 -18.61
C GLY A 385 -18.99 -23.93 -19.25
N SER A 386 -20.21 -23.67 -18.83
CA SER A 386 -21.03 -22.59 -19.40
C SER A 386 -21.14 -21.47 -18.42
N LEU A 387 -21.14 -20.23 -18.91
CA LEU A 387 -21.44 -19.05 -18.10
C LEU A 387 -22.96 -18.94 -17.91
N LYS A 388 -23.38 -18.87 -16.66
CA LYS A 388 -24.82 -18.89 -16.30
C LYS A 388 -25.32 -17.58 -15.77
N GLY A 389 -24.42 -16.65 -15.48
CA GLY A 389 -24.73 -15.42 -14.79
C GLY A 389 -24.98 -14.29 -15.75
N GLU A 390 -25.04 -13.08 -15.19
CA GLU A 390 -25.34 -11.88 -15.96
C GLU A 390 -24.20 -10.88 -16.00
N SER A 391 -23.25 -10.90 -15.06
CA SER A 391 -22.21 -9.87 -15.04
C SER A 391 -21.22 -10.03 -16.21
N TRP A 392 -21.00 -11.25 -16.71
CA TRP A 392 -20.07 -11.42 -17.85
C TRP A 392 -20.48 -10.58 -19.08
N LYS A 393 -21.77 -10.39 -19.29
CA LYS A 393 -22.26 -9.50 -20.39
C LYS A 393 -21.88 -8.03 -20.18
N ARG A 394 -21.84 -7.58 -18.94
CA ARG A 394 -21.56 -6.16 -18.65
C ARG A 394 -20.06 -5.87 -18.74
N VAL A 395 -19.22 -6.80 -18.28
CA VAL A 395 -17.75 -6.66 -18.48
CA VAL A 395 -17.76 -6.70 -18.47
C VAL A 395 -17.41 -6.56 -19.98
N LYS A 396 -18.05 -7.33 -20.83
CA LYS A 396 -17.85 -7.12 -22.31
C LYS A 396 -18.19 -5.67 -22.89
N PHE A 397 -19.30 -5.12 -22.42
CA PHE A 397 -19.66 -3.73 -22.70
C PHE A 397 -18.61 -2.76 -22.13
N LEU A 398 -18.19 -3.01 -20.89
CA LEU A 398 -17.22 -2.17 -20.21
C LEU A 398 -15.88 -2.11 -20.97
N ARG A 399 -15.45 -3.23 -21.55
CA ARG A 399 -14.28 -3.23 -22.42
C ARG A 399 -14.38 -2.25 -23.55
N THR A 400 -15.53 -2.19 -24.18
CA THR A 400 -15.73 -1.29 -25.29
CA THR A 400 -15.71 -1.28 -25.31
C THR A 400 -15.57 0.14 -24.81
N ILE A 401 -16.12 0.42 -23.62
CA ILE A 401 -16.05 1.79 -23.08
C ILE A 401 -14.57 2.20 -22.80
N ILE A 402 -13.87 1.39 -22.02
CA ILE A 402 -12.50 1.71 -21.59
C ILE A 402 -11.53 1.70 -22.79
N GLU A 403 -11.77 0.84 -23.78
CA GLU A 403 -10.90 0.84 -24.95
C GLU A 403 -11.12 1.99 -25.90
N ALA A 404 -12.27 2.63 -25.79
CA ALA A 404 -12.56 3.77 -26.65
C ALA A 404 -11.87 5.04 -26.13
N ALA A 405 -11.47 5.05 -24.86
CA ALA A 405 -10.87 6.25 -24.25
C ALA A 405 -9.44 6.41 -24.74
N PRO A 406 -8.94 7.63 -24.83
CA PRO A 406 -7.59 7.78 -25.41
C PRO A 406 -6.41 7.33 -24.53
N HIS A 407 -6.58 7.23 -23.20
CA HIS A 407 -5.53 6.80 -22.31
C HIS A 407 -6.17 5.96 -21.23
N PRO A 408 -5.35 5.28 -20.42
CA PRO A 408 -5.89 4.67 -19.24
C PRO A 408 -6.60 5.61 -18.27
N LEU A 409 -7.43 5.02 -17.41
CA LEU A 409 -8.25 5.75 -16.49
C LEU A 409 -7.53 6.03 -15.17
N GLU A 410 -7.84 7.16 -14.55
CA GLU A 410 -7.33 7.51 -13.24
C GLU A 410 -8.28 8.51 -12.62
N ALA A 412 -9.39 12.09 -11.45
CA ALA A 412 -9.02 13.46 -11.82
C ALA A 412 -8.45 14.28 -10.70
N ASP A 413 -8.91 14.05 -9.44
CA ASP A 413 -8.50 14.91 -8.33
C ASP A 413 -8.49 14.01 -7.08
N ILE A 414 -7.44 13.23 -7.02
CA ILE A 414 -7.34 12.08 -6.10
C ILE A 414 -7.57 12.54 -4.62
N SER A 415 -8.41 11.78 -3.94
CA SER A 415 -8.75 11.93 -2.53
C SER A 415 -9.69 13.08 -2.20
N ARG A 416 -9.90 13.95 -3.18
CA ARG A 416 -10.72 15.15 -3.03
C ARG A 416 -12.04 15.03 -3.76
N ASP A 417 -11.98 14.60 -5.02
CA ASP A 417 -13.18 14.35 -5.79
C ASP A 417 -13.26 12.84 -5.87
N LEU A 418 -14.35 12.29 -5.38
CA LEU A 418 -14.46 10.82 -5.26
C LEU A 418 -15.18 10.14 -6.43
N VAL A 419 -15.59 10.94 -7.42
CA VAL A 419 -16.44 10.45 -8.51
C VAL A 419 -15.97 10.69 -9.93
N THR A 420 -15.04 11.60 -10.14
CA THR A 420 -14.61 11.99 -11.43
C THR A 420 -13.34 11.25 -11.84
N SER A 421 -13.47 10.42 -12.86
CA SER A 421 -12.30 9.82 -13.55
C SER A 421 -11.94 10.63 -14.80
N THR A 422 -10.67 10.53 -15.20
CA THR A 422 -10.19 11.03 -16.46
C THR A 422 -9.49 9.97 -17.26
N ALA A 423 -9.59 10.07 -18.59
CA ALA A 423 -8.82 9.25 -19.53
C ALA A 423 -8.08 10.13 -20.53
N GLY A 424 -7.91 11.39 -20.20
CA GLY A 424 -7.23 12.36 -21.10
C GLY A 424 -7.64 13.79 -20.86
N PRO A 425 -6.97 14.74 -21.58
CA PRO A 425 -7.41 16.13 -21.62
C PRO A 425 -8.86 16.22 -22.07
N ASP A 426 -9.70 16.88 -21.29
CA ASP A 426 -11.10 17.07 -21.61
C ASP A 426 -11.84 15.75 -21.88
N TYR A 427 -11.51 14.69 -21.15
CA TYR A 427 -12.15 13.36 -21.36
C TYR A 427 -12.43 12.70 -20.00
N TYR A 428 -13.69 12.73 -19.58
CA TYR A 428 -14.08 12.35 -18.26
C TYR A 428 -15.10 11.24 -18.26
N LEU A 429 -15.05 10.41 -17.22
CA LEU A 429 -16.13 9.52 -16.86
C LEU A 429 -16.48 9.82 -15.40
N VAL A 430 -17.72 10.24 -15.15
CA VAL A 430 -18.15 10.67 -13.82
C VAL A 430 -19.15 9.63 -13.33
N ASN A 431 -18.85 9.00 -12.22
CA ASN A 431 -19.70 8.00 -11.66
C ASN A 431 -20.85 8.63 -10.87
N GLY A 433 -22.99 7.01 -9.10
CA GLY A 433 -23.06 6.30 -7.82
C GLY A 433 -24.27 5.39 -7.68
N LYS A 434 -24.46 4.80 -6.51
CA LYS A 434 -25.63 3.91 -6.27
C LYS A 434 -26.82 4.65 -5.66
N ASP A 435 -26.66 5.91 -5.20
CA ASP A 435 -27.80 6.70 -4.70
C ASP A 435 -28.58 7.24 -5.89
N VAL A 436 -29.69 6.55 -6.16
CA VAL A 436 -30.60 6.81 -7.28
C VAL A 436 -31.17 8.25 -7.23
N LYS A 437 -31.10 8.96 -8.36
CA LYS A 437 -31.51 10.36 -8.43
CA LYS A 437 -31.57 10.34 -8.44
C LYS A 437 -31.85 10.67 -9.89
N GLY A 438 -32.46 11.80 -10.12
CA GLY A 438 -32.92 12.14 -11.50
C GLY A 438 -32.13 13.24 -12.19
N PHE A 439 -31.16 13.84 -11.49
CA PHE A 439 -30.50 15.07 -12.04
C PHE A 439 -29.11 15.25 -11.43
N TRP A 440 -28.14 15.61 -12.27
CA TRP A 440 -26.77 15.87 -11.83
C TRP A 440 -26.39 17.27 -12.31
N THR A 441 -26.03 18.14 -11.39
CA THR A 441 -25.52 19.47 -11.74
C THR A 441 -24.16 19.33 -12.44
N PHE A 442 -23.95 20.01 -13.56
CA PHE A 442 -22.67 19.93 -14.25
C PHE A 442 -21.57 20.56 -13.35
N ASN A 443 -20.63 19.71 -12.92
CA ASN A 443 -19.61 20.09 -11.92
CA ASN A 443 -19.60 20.13 -11.98
C ASN A 443 -18.42 19.18 -12.12
N LEU A 444 -17.24 19.74 -12.39
CA LEU A 444 -16.02 18.99 -12.55
C LEU A 444 -14.91 19.61 -11.69
N PRO A 445 -13.88 18.83 -11.35
CA PRO A 445 -12.71 19.44 -10.73
C PRO A 445 -11.95 20.31 -11.77
N VAL A 446 -11.27 21.34 -11.33
CA VAL A 446 -10.37 22.09 -12.20
C VAL A 446 -9.11 21.26 -12.44
N LYS A 447 -8.69 20.49 -11.42
CA LYS A 447 -7.54 19.60 -11.59
C LYS A 447 -7.96 18.48 -12.54
N ASN A 448 -7.06 18.11 -13.47
CA ASN A 448 -7.26 16.94 -14.31
C ASN A 448 -6.06 16.00 -14.27
N ALA A 449 -5.92 15.28 -13.16
CA ALA A 449 -4.74 14.47 -12.90
C ALA A 449 -3.48 15.29 -13.21
N ASP A 450 -2.56 14.78 -14.01
CA ASP A 450 -1.35 15.49 -14.39
C ASP A 450 -1.43 16.09 -15.78
N TYR A 451 -2.64 16.09 -16.38
CA TYR A 451 -2.92 16.92 -17.59
C TYR A 451 -3.07 18.34 -17.22
N ASN A 452 -3.21 19.24 -18.21
CA ASN A 452 -3.45 20.64 -17.87
C ASN A 452 -4.80 20.76 -17.15
N LYS A 453 -4.91 21.83 -16.37
CA LYS A 453 -6.17 22.16 -15.70
C LYS A 453 -7.27 22.36 -16.72
N LEU A 454 -8.49 22.09 -16.27
CA LEU A 454 -9.69 22.31 -17.07
C LEU A 454 -9.94 23.79 -17.33
N GLN A 455 -10.02 24.13 -18.59
CA GLN A 455 -10.15 25.55 -18.96
C GLN A 455 -11.59 26.07 -19.02
N LYS A 456 -11.72 27.39 -18.96
CA LYS A 456 -13.01 28.06 -19.10
C LYS A 456 -13.40 28.16 -20.58
N ASN A 457 -14.70 28.40 -20.82
CA ASN A 457 -15.27 28.53 -22.17
C ASN A 457 -15.02 27.36 -23.08
N LYS A 458 -14.94 26.16 -22.50
CA LYS A 458 -14.88 24.94 -23.30
C LYS A 458 -16.27 24.29 -23.31
N ARG A 459 -16.62 23.73 -24.47
CA ARG A 459 -17.96 23.19 -24.73
C ARG A 459 -17.85 21.67 -24.63
N PHE A 460 -18.72 21.09 -23.80
CA PHE A 460 -18.73 19.67 -23.53
C PHE A 460 -20.06 19.04 -23.87
N LYS A 461 -20.00 17.86 -24.46
CA LYS A 461 -21.20 17.06 -24.60
C LYS A 461 -21.12 15.97 -23.58
N VAL A 462 -22.29 15.46 -23.26
CA VAL A 462 -22.46 14.39 -22.28
C VAL A 462 -23.17 13.19 -22.95
N GLU A 463 -22.63 12.01 -22.67
CA GLU A 463 -23.27 10.73 -22.97
C GLU A 463 -23.59 9.99 -21.65
N ILE A 464 -24.84 9.54 -21.52
CA ILE A 464 -25.28 8.79 -20.37
C ILE A 464 -25.01 7.31 -20.66
N ILE A 465 -24.11 6.74 -19.87
CA ILE A 465 -23.78 5.33 -20.02
C ILE A 465 -24.53 4.58 -18.90
N ASP A 466 -25.46 3.72 -19.27
CA ASP A 466 -26.16 2.88 -18.27
C ASP A 466 -25.41 1.55 -18.31
N VAL A 467 -24.54 1.35 -17.34
CA VAL A 467 -23.62 0.24 -17.32
C VAL A 467 -24.36 -1.08 -17.23
N TRP A 468 -25.39 -1.14 -16.38
CA TRP A 468 -26.20 -2.39 -16.28
C TRP A 468 -26.98 -2.68 -17.52
N ALA A 469 -27.63 -1.65 -18.10
CA ALA A 469 -28.44 -1.83 -19.30
C ALA A 469 -27.60 -1.98 -20.58
N THR A 471 -26.10 0.46 -22.39
CA THR A 471 -26.51 1.45 -23.38
C THR A 471 -25.72 2.76 -23.18
N VAL A 472 -25.58 3.51 -24.29
CA VAL A 472 -24.96 4.83 -24.33
C VAL A 472 -25.92 5.72 -25.06
N THR A 473 -26.35 6.83 -24.41
CA THR A 473 -27.34 7.71 -24.92
C THR A 473 -26.77 9.13 -24.91
N GLU A 474 -26.79 9.78 -26.06
CA GLU A 474 -26.33 11.19 -26.14
C GLU A 474 -27.31 12.15 -25.49
N TYR A 475 -26.81 13.10 -24.69
CA TYR A 475 -27.66 14.10 -24.08
C TYR A 475 -27.65 15.35 -24.96
N PRO A 476 -28.80 16.00 -25.14
CA PRO A 476 -28.82 17.11 -26.14
C PRO A 476 -28.20 18.46 -25.73
N VAL A 477 -27.92 18.70 -24.45
CA VAL A 477 -27.38 19.97 -24.02
C VAL A 477 -25.86 20.01 -24.14
N ILE A 478 -25.35 21.10 -24.71
CA ILE A 478 -23.93 21.39 -24.72
CA ILE A 478 -23.93 21.38 -24.73
C ILE A 478 -23.60 22.34 -23.55
N PHE A 479 -22.75 21.88 -22.67
CA PHE A 479 -22.32 22.62 -21.49
C PHE A 479 -21.11 23.48 -21.82
N GLU A 480 -20.94 24.57 -21.08
N GLU A 480 -20.95 24.57 -21.07
CA GLU A 480 -19.87 25.53 -21.30
CA GLU A 480 -19.84 25.49 -21.28
C GLU A 480 -19.23 25.84 -19.95
C GLU A 480 -19.23 25.82 -19.94
N THR A 481 -17.93 25.61 -19.84
CA THR A 481 -17.23 25.70 -18.56
C THR A 481 -17.02 27.11 -18.00
N THR A 482 -17.20 27.25 -16.69
CA THR A 482 -16.85 28.49 -15.97
C THR A 482 -15.31 28.51 -15.77
N GLU A 483 -14.87 29.64 -15.24
CA GLU A 483 -13.60 29.77 -14.56
C GLU A 483 -13.57 28.86 -13.33
N GLU A 484 -12.35 28.69 -12.80
CA GLU A 484 -12.15 27.92 -11.58
C GLU A 484 -12.87 28.62 -10.42
N LEU A 485 -13.66 27.86 -9.68
CA LEU A 485 -14.40 28.38 -8.54
C LEU A 485 -14.31 27.38 -7.43
N ASP A 486 -13.57 27.72 -6.38
CA ASP A 486 -13.37 26.82 -5.24
C ASP A 486 -13.04 25.39 -5.67
N TYR A 487 -11.95 25.28 -6.46
CA TYR A 487 -11.39 24.07 -6.99
C TYR A 487 -12.23 23.35 -8.06
N ARG A 488 -13.39 23.92 -8.41
CA ARG A 488 -14.33 23.26 -9.32
C ARG A 488 -14.60 24.14 -10.54
N VAL A 489 -15.29 23.55 -11.50
CA VAL A 489 -15.67 24.18 -12.77
C VAL A 489 -17.15 23.75 -13.00
N PHE A 490 -17.98 24.72 -13.33
CA PHE A 490 -19.43 24.47 -13.44
C PHE A 490 -19.80 24.82 -14.87
N ASP A 491 -21.10 24.72 -15.18
CA ASP A 491 -21.64 25.25 -16.43
C ASP A 491 -22.01 26.71 -16.20
N ILE A 492 -21.82 27.53 -17.22
CA ILE A 492 -22.05 28.98 -17.15
CA ILE A 492 -22.04 28.98 -17.13
C ILE A 492 -23.48 29.31 -16.71
N HIS A 493 -24.46 28.47 -17.09
CA HIS A 493 -25.85 28.76 -16.73
C HIS A 493 -26.36 27.83 -15.66
N HIS A 494 -25.45 27.25 -14.90
CA HIS A 494 -25.79 26.40 -13.77
C HIS A 494 -26.60 25.16 -14.23
N ARG A 495 -26.39 24.73 -15.46
CA ARG A 495 -27.14 23.60 -16.03
C ARG A 495 -26.63 22.26 -15.52
N GLY A 496 -27.44 21.23 -15.75
CA GLY A 496 -27.07 19.89 -15.47
C GLY A 496 -27.70 18.88 -16.43
N VAL A 497 -27.63 17.62 -16.05
CA VAL A 497 -28.04 16.50 -16.87
C VAL A 497 -29.15 15.71 -16.14
N ARG A 498 -30.30 15.60 -16.80
CA ARG A 498 -31.36 14.69 -16.35
C ARG A 498 -30.93 13.27 -16.65
N ILE A 499 -30.97 12.44 -15.62
CA ILE A 499 -30.54 11.09 -15.76
C ILE A 499 -31.63 10.09 -15.30
N PRO A 500 -31.52 8.82 -15.72
CA PRO A 500 -32.45 7.81 -15.23
C PRO A 500 -32.28 7.61 -13.71
N ASP A 501 -33.38 7.37 -13.02
CA ASP A 501 -33.34 7.08 -11.57
C ASP A 501 -32.95 5.61 -11.42
N ALA A 502 -31.67 5.37 -11.62
CA ALA A 502 -31.06 4.05 -11.55
C ALA A 502 -29.63 4.15 -11.08
N PRO A 503 -29.11 3.04 -10.48
CA PRO A 503 -27.74 2.92 -10.14
C PRO A 503 -26.90 2.58 -11.39
N TYR A 504 -25.61 2.69 -11.24
CA TYR A 504 -24.63 2.31 -12.25
C TYR A 504 -24.70 3.18 -13.52
N ILE A 505 -25.03 4.46 -13.34
CA ILE A 505 -24.99 5.43 -14.43
C ILE A 505 -23.64 6.11 -14.35
N VAL A 506 -22.95 6.16 -15.49
CA VAL A 506 -21.69 6.85 -15.67
C VAL A 506 -21.85 7.89 -16.79
N LEU A 507 -21.39 9.12 -16.57
CA LEU A 507 -21.49 10.14 -17.62
C LEU A 507 -20.14 10.27 -18.33
N ARG A 508 -20.14 10.17 -19.67
CA ARG A 508 -18.93 10.39 -20.43
C ARG A 508 -19.01 11.82 -20.96
N ILE A 509 -18.04 12.62 -20.57
CA ILE A 509 -18.08 14.06 -20.84
C ILE A 509 -16.84 14.39 -21.64
N THR A 510 -17.02 14.90 -22.88
CA THR A 510 -15.96 15.05 -23.83
C THR A 510 -16.19 16.36 -24.56
N GLU A 511 -15.11 16.94 -25.06
CA GLU A 511 -15.17 18.25 -25.70
C GLU A 511 -15.87 18.14 -27.07
N VAL A 512 -16.65 19.15 -27.42
CA VAL A 512 -17.37 19.15 -28.67
C VAL A 512 -16.34 19.50 -29.72
N LYS A 513 -16.10 18.57 -30.64
CA LYS A 513 -15.02 18.65 -31.66
C LYS A 513 -15.48 19.40 -32.91
N GLN B 2 27.48 15.44 35.69
CA GLN B 2 26.23 14.96 36.39
C GLN B 2 26.29 13.47 36.81
N ASP B 3 26.54 13.26 38.08
CA ASP B 3 27.08 12.00 38.56
C ASP B 3 26.06 10.88 38.67
N LYS B 4 24.77 11.22 38.70
CA LYS B 4 23.71 10.24 38.79
C LYS B 4 22.57 10.68 37.88
N VAL B 5 22.14 9.79 36.99
CA VAL B 5 21.15 10.06 35.94
CA VAL B 5 21.05 10.12 36.08
C VAL B 5 20.15 8.91 35.91
N GLU B 6 18.90 9.19 35.60
CA GLU B 6 17.94 8.14 35.35
C GLU B 6 18.16 7.57 33.97
N CYS B 7 17.84 6.29 33.88
CA CYS B 7 17.66 5.62 32.59
CA CYS B 7 17.71 5.65 32.61
C CYS B 7 16.77 6.46 31.67
N TRP B 8 17.22 6.67 30.44
CA TRP B 8 16.51 7.43 29.40
C TRP B 8 16.48 8.99 29.58
N ASP B 9 17.07 9.49 30.65
CA ASP B 9 17.42 10.92 30.78
C ASP B 9 18.79 11.08 30.08
N ARG B 10 19.41 12.27 30.20
CA ARG B 10 20.65 12.58 29.51
C ARG B 10 21.78 12.78 30.47
N PHE B 11 22.92 12.21 30.12
CA PHE B 11 24.17 12.51 30.74
C PHE B 11 24.89 13.43 29.77
N GLU B 12 25.47 14.50 30.30
CA GLU B 12 26.11 15.50 29.45
C GLU B 12 27.51 15.88 29.94
N LEU B 13 28.49 15.71 29.06
CA LEU B 13 29.81 16.21 29.28
C LEU B 13 29.96 17.59 28.61
N SER B 14 30.79 18.43 29.18
CA SER B 14 31.14 19.69 28.53
C SER B 14 32.60 20.04 28.75
N PHE B 15 33.20 20.69 27.75
CA PHE B 15 34.61 21.09 27.83
C PHE B 15 34.74 22.51 27.34
N LYS B 16 35.56 23.30 28.05
CA LYS B 16 35.91 24.67 27.66
CA LYS B 16 35.89 24.67 27.65
C LYS B 16 37.18 24.58 26.87
N GLN B 17 37.16 25.06 25.64
CA GLN B 17 38.31 24.90 24.76
C GLN B 17 38.38 26.03 23.74
N VAL B 18 39.58 26.59 23.58
CA VAL B 18 39.87 27.56 22.54
C VAL B 18 40.37 26.81 21.31
N THR B 19 39.90 27.25 20.15
CA THR B 19 40.16 26.61 18.86
C THR B 19 40.69 27.71 17.95
N LYS B 20 41.70 27.41 17.12
CA LYS B 20 42.22 28.39 16.12
C LYS B 20 41.26 28.54 14.92
N GLY B 21 40.73 27.41 14.43
CA GLY B 21 39.91 27.41 13.23
C GLY B 21 38.43 27.41 13.57
N ASN B 22 37.62 26.94 12.62
CA ASN B 22 36.19 26.88 12.79
C ASN B 22 35.86 25.79 13.83
N PRO B 23 35.28 26.18 14.98
CA PRO B 23 34.97 25.19 16.00
C PRO B 23 33.92 24.13 15.60
N PHE B 24 33.08 24.48 14.63
CA PHE B 24 32.12 23.55 14.10
C PHE B 24 32.73 22.42 13.25
N ASP B 25 34.01 22.50 12.90
CA ASP B 25 34.70 21.46 12.17
C ASP B 25 35.41 20.46 13.08
N ILE B 26 35.51 20.77 14.37
CA ILE B 26 36.28 19.96 15.30
C ILE B 26 35.57 18.58 15.52
N ARG B 27 36.36 17.52 15.44
CA ARG B 27 35.89 16.16 15.68
C ARG B 27 35.83 15.93 17.22
N LEU B 28 34.70 15.43 17.70
CA LEU B 28 34.54 15.08 19.13
C LEU B 28 33.50 13.97 19.30
N SER B 29 33.87 12.96 20.07
CA SER B 29 33.00 11.81 20.32
C SER B 29 33.36 11.19 21.67
N ALA B 30 32.51 10.28 22.13
CA ALA B 30 32.84 9.43 23.28
C ALA B 30 32.18 8.08 23.19
N THR B 31 32.82 7.12 23.85
CA THR B 31 32.30 5.79 24.00
C THR B 31 31.93 5.60 25.48
N PHE B 32 30.71 5.13 25.69
CA PHE B 32 30.09 4.91 26.99
C PHE B 32 29.92 3.40 27.18
N VAL B 33 30.34 2.88 28.33
CA VAL B 33 30.32 1.45 28.60
C VAL B 33 29.75 1.16 29.99
N CYS B 34 28.88 0.16 30.06
CA CYS B 34 28.43 -0.44 31.32
C CYS B 34 28.32 -1.94 31.06
N GLY B 35 29.32 -2.68 31.47
CA GLY B 35 29.43 -4.14 31.23
C GLY B 35 29.35 -4.42 29.72
N LYS B 36 28.34 -5.19 29.33
CA LYS B 36 28.11 -5.56 27.94
C LYS B 36 27.44 -4.45 27.12
N GLU B 37 26.96 -3.38 27.76
CA GLU B 37 26.31 -2.28 27.08
C GLU B 37 27.38 -1.25 26.68
N LYS B 38 27.39 -0.88 25.41
CA LYS B 38 28.42 0.00 24.86
C LYS B 38 27.82 0.81 23.73
N LYS B 39 28.11 2.12 23.73
CA LYS B 39 27.57 3.04 22.71
CA LYS B 39 27.57 3.06 22.71
C LYS B 39 28.61 4.12 22.42
N THR B 40 28.76 4.47 21.14
CA THR B 40 29.70 5.51 20.72
C THR B 40 28.87 6.61 20.08
N VAL B 41 29.03 7.83 20.57
CA VAL B 41 28.18 8.94 20.13
C VAL B 41 29.02 10.16 19.84
N GLU B 42 28.54 11.00 18.91
CA GLU B 42 29.20 12.23 18.53
C GLU B 42 28.82 13.39 19.46
N GLY B 43 29.77 14.29 19.64
CA GLY B 43 29.57 15.58 20.34
C GLY B 43 29.44 16.73 19.34
N PHE B 44 29.40 17.93 19.89
CA PHE B 44 29.14 19.12 19.12
C PHE B 44 29.63 20.38 19.82
N TYR B 45 29.82 21.42 19.03
CA TYR B 45 30.17 22.74 19.52
C TYR B 45 28.91 23.56 19.85
N ASP B 46 28.88 24.17 21.04
CA ASP B 46 27.72 24.90 21.53
C ASP B 46 27.95 26.41 21.76
N GLY B 47 28.92 26.97 21.04
CA GLY B 47 29.29 28.38 21.23
C GLY B 47 30.10 28.66 22.50
N GLU B 48 30.66 29.87 22.58
CA GLU B 48 31.32 30.35 23.81
C GLU B 48 32.39 29.39 24.30
N ASN B 49 33.17 28.87 23.34
CA ASN B 49 34.27 27.96 23.61
C ASN B 49 33.86 26.70 24.37
N THR B 50 32.62 26.27 24.17
CA THR B 50 32.08 25.14 24.89
C THR B 50 31.65 24.03 23.93
N TYR B 51 32.27 22.87 24.09
CA TYR B 51 31.86 21.64 23.39
C TYR B 51 31.11 20.77 24.38
N ARG B 52 30.19 19.99 23.84
CA ARG B 52 29.33 19.07 24.60
C ARG B 52 29.26 17.68 23.96
N ILE B 53 29.07 16.68 24.79
CA ILE B 53 28.70 15.36 24.37
C ILE B 53 27.56 14.90 25.25
N ARG B 54 26.47 14.47 24.62
CA ARG B 54 25.29 14.02 25.30
C ARG B 54 25.11 12.55 25.07
N PHE B 55 24.63 11.85 26.10
CA PHE B 55 24.36 10.43 26.03
C PHE B 55 23.07 10.11 26.77
N PRO B 57 21.52 6.94 28.48
CA PRO B 57 21.74 5.57 28.88
C PRO B 57 20.44 4.83 28.89
N ALA B 58 20.51 3.53 28.56
CA ALA B 58 19.31 2.74 28.44
C ALA B 58 19.28 1.61 29.45
N VAL B 59 20.36 1.42 30.22
CA VAL B 59 20.38 0.46 31.32
CA VAL B 59 20.46 0.44 31.28
C VAL B 59 21.04 1.08 32.56
N ALA B 60 20.51 0.69 33.71
CA ALA B 60 20.98 1.11 35.00
C ALA B 60 22.28 0.41 35.31
N GLY B 61 23.15 1.09 36.03
CA GLY B 61 24.40 0.55 36.51
C GLY B 61 25.48 1.62 36.66
N GLU B 62 26.70 1.15 36.84
CA GLU B 62 27.87 1.97 36.95
C GLU B 62 28.50 2.15 35.55
N TRP B 63 28.49 3.36 35.04
CA TRP B 63 28.91 3.63 33.67
C TRP B 63 30.27 4.30 33.70
N ARG B 64 30.99 4.13 32.58
CA ARG B 64 32.23 4.89 32.34
C ARG B 64 32.23 5.37 30.90
N TYR B 65 33.11 6.31 30.60
CA TYR B 65 33.26 6.84 29.25
C TYR B 65 34.73 7.16 28.97
N VAL B 66 35.00 7.23 27.68
CA VAL B 66 36.29 7.67 27.14
CA VAL B 66 36.26 7.74 27.19
C VAL B 66 36.00 8.56 25.92
N THR B 67 36.58 9.76 25.88
CA THR B 67 36.37 10.65 24.74
C THR B 67 37.44 10.45 23.69
N SER B 68 37.10 10.88 22.47
CA SER B 68 38.04 10.99 21.35
C SER B 68 37.83 12.35 20.66
N SER B 69 38.91 13.04 20.35
CA SER B 69 38.81 14.34 19.68
C SER B 69 40.06 14.63 18.88
N SER B 70 39.90 15.50 17.88
CA SER B 70 41.05 16.02 17.14
C SER B 70 41.84 17.05 17.93
N ILE B 71 41.26 17.54 19.02
CA ILE B 71 41.97 18.38 19.96
C ILE B 71 42.44 17.53 21.15
N GLY B 72 43.75 17.51 21.36
CA GLY B 72 44.41 16.70 22.38
C GLY B 72 43.81 16.85 23.76
N ALA B 73 43.50 18.08 24.15
CA ALA B 73 42.93 18.33 25.48
C ALA B 73 41.55 17.69 25.69
N ASN B 75 40.75 14.76 24.10
CA ASN B 75 40.96 13.40 23.61
C ASN B 75 41.43 12.53 24.74
N GLY B 76 40.82 11.35 24.89
CA GLY B 76 41.24 10.40 25.94
C GLY B 76 40.79 10.80 27.32
N ARG B 77 39.77 11.66 27.41
CA ARG B 77 39.25 12.08 28.72
C ARG B 77 38.30 10.98 29.21
N LYS B 78 38.38 10.68 30.49
CA LYS B 78 37.67 9.55 31.10
C LYS B 78 36.91 9.98 32.34
N GLY B 79 35.84 9.28 32.66
CA GLY B 79 35.17 9.47 33.95
C GLY B 79 34.09 8.42 34.11
N THR B 80 33.29 8.59 35.16
CA THR B 80 32.25 7.65 35.51
C THR B 80 30.99 8.39 35.92
N PHE B 81 29.89 7.68 35.92
CA PHE B 81 28.62 8.16 36.41
C PHE B 81 27.73 6.95 36.69
N THR B 82 26.70 7.18 37.47
CA THR B 82 25.78 6.14 37.86
C THR B 82 24.48 6.36 37.14
N VAL B 83 23.88 5.30 36.61
CA VAL B 83 22.58 5.35 36.05
C VAL B 83 21.62 4.58 36.95
N ILE B 84 20.51 5.20 37.32
CA ILE B 84 19.48 4.55 38.18
C ILE B 84 18.26 4.22 37.36
N PRO B 85 17.36 3.35 37.87
CA PRO B 85 16.13 3.03 37.13
C PRO B 85 15.28 4.30 36.85
N ALA B 86 14.62 4.33 35.73
CA ALA B 86 13.68 5.39 35.38
C ALA B 86 12.60 5.54 36.42
N GLY B 87 12.20 6.78 36.70
CA GLY B 87 11.07 7.03 37.62
C GLY B 87 9.72 6.75 36.98
N LYS B 88 8.64 6.82 37.77
CA LYS B 88 7.32 6.28 37.34
C LYS B 88 6.77 6.91 36.07
N ASP B 89 7.10 8.17 35.80
CA ASP B 89 6.61 8.84 34.58
C ASP B 89 7.59 8.94 33.41
N ASN B 90 8.75 8.35 33.57
CA ASN B 90 9.77 8.27 32.56
C ASN B 90 9.65 6.88 31.93
N HIS B 91 9.06 6.80 30.75
CA HIS B 91 8.88 5.51 30.06
C HIS B 91 9.89 5.25 28.95
N GLY B 92 10.84 6.16 28.77
CA GLY B 92 11.74 6.09 27.63
C GLY B 92 11.14 6.55 26.31
N VAL B 94 9.67 6.20 22.41
CA VAL B 94 8.66 5.38 21.73
C VAL B 94 9.34 4.49 20.67
N LEU B 95 8.98 3.24 20.70
CA LEU B 95 9.46 2.20 19.83
C LEU B 95 8.30 1.58 19.08
N VAL B 96 8.64 0.98 17.95
CA VAL B 96 7.72 0.11 17.23
C VAL B 96 7.43 -1.13 18.08
N ASP B 97 6.17 -1.58 18.05
CA ASP B 97 5.72 -2.80 18.71
C ASP B 97 5.03 -3.67 17.64
N GLY B 98 5.78 -4.63 17.13
CA GLY B 98 5.32 -5.56 16.06
C GLY B 98 5.12 -4.85 14.75
N GLU B 99 4.10 -5.28 14.00
CA GLU B 99 3.89 -4.73 12.66
C GLU B 99 3.06 -3.48 12.66
N HIS B 100 2.28 -3.21 13.71
CA HIS B 100 1.25 -2.17 13.60
C HIS B 100 1.20 -1.10 14.66
N ASN B 101 1.90 -1.31 15.77
CA ASN B 101 1.68 -0.46 16.94
C ASN B 101 2.97 0.08 17.55
N PHE B 102 2.82 0.76 18.70
CA PHE B 102 3.90 1.39 19.41
C PHE B 102 3.85 1.09 20.90
N LYS B 103 5.02 1.10 21.51
CA LYS B 103 5.19 1.02 22.95
C LYS B 103 6.36 1.93 23.33
N TYR B 104 6.24 2.53 24.49
CA TYR B 104 7.41 3.09 25.12
C TYR B 104 8.45 2.01 25.42
N ALA B 105 9.70 2.44 25.60
CA ALA B 105 10.79 1.53 25.93
C ALA B 105 10.54 0.73 27.20
N ASP B 106 9.78 1.26 28.17
CA ASP B 106 9.49 0.47 29.38
C ASP B 106 8.32 -0.53 29.22
N GLY B 107 7.74 -0.65 28.02
CA GLY B 107 6.61 -1.60 27.77
C GLY B 107 5.24 -0.97 27.83
N THR B 108 5.15 0.27 28.32
CA THR B 108 3.87 1.01 28.37
C THR B 108 3.33 1.21 26.95
N ARG B 109 2.04 0.98 26.77
CA ARG B 109 1.41 1.22 25.43
C ARG B 109 1.47 2.70 25.02
N TYR B 110 1.73 2.98 23.73
CA TYR B 110 1.68 4.35 23.19
C TYR B 110 0.77 4.40 21.98
N TYR B 111 -0.24 5.27 22.00
CA TYR B 111 -1.09 5.52 20.86
C TYR B 111 -0.86 6.97 20.45
N PRO B 112 -0.32 7.22 19.23
CA PRO B 112 -0.09 8.64 18.85
C PRO B 112 -1.44 9.33 18.54
N GLY B 114 -1.85 12.94 17.99
CA GLY B 114 -1.11 14.19 17.85
C GLY B 114 -1.85 15.34 17.20
N THR B 115 -1.21 16.49 17.27
CA THR B 115 -1.65 17.70 16.56
C THR B 115 -0.53 18.27 15.74
N THR B 116 -0.78 19.48 15.23
CA THR B 116 0.05 20.13 14.20
C THR B 116 0.30 21.54 14.68
N ALA B 117 1.56 21.91 14.73
CA ALA B 117 1.94 23.31 15.01
C ALA B 117 3.29 23.59 14.36
N TYR B 118 3.24 23.75 13.03
CA TYR B 118 4.45 23.62 12.24
C TYR B 118 5.56 24.59 12.66
N ALA B 119 5.22 25.85 12.91
CA ALA B 119 6.26 26.85 13.17
C ALA B 119 6.11 27.53 14.54
N TRP B 120 5.56 26.77 15.50
CA TRP B 120 5.31 27.33 16.82
C TRP B 120 6.55 27.79 17.50
N THR B 121 7.70 27.15 17.23
CA THR B 121 8.96 27.58 17.87
C THR B 121 9.61 28.82 17.23
N HIS B 122 8.99 29.37 16.20
CA HIS B 122 9.49 30.53 15.43
C HIS B 122 8.65 31.77 15.66
N LYS B 124 6.74 34.82 18.29
CA LYS B 124 7.15 35.66 19.42
C LYS B 124 6.84 34.93 20.73
N GLU B 125 7.56 35.34 21.77
CA GLU B 125 7.53 34.60 23.06
C GLU B 125 6.15 34.42 23.67
N THR B 126 5.32 35.45 23.65
CA THR B 126 3.99 35.36 24.24
C THR B 126 3.19 34.33 23.50
N THR B 127 3.37 34.23 22.18
CA THR B 127 2.67 33.18 21.42
C THR B 127 3.15 31.78 21.79
N GLN B 128 4.46 31.63 21.96
CA GLN B 128 5.03 30.32 22.32
C GLN B 128 4.53 29.85 23.70
N GLU B 129 4.40 30.79 24.64
CA GLU B 129 3.87 30.47 25.97
CA GLU B 129 3.87 30.48 25.99
C GLU B 129 2.41 30.08 25.89
N ALA B 130 1.64 30.76 25.03
CA ALA B 130 0.25 30.37 24.77
C ALA B 130 0.14 28.96 24.21
N THR B 131 1.05 28.59 23.32
CA THR B 131 1.06 27.29 22.72
C THR B 131 1.35 26.22 23.78
N LEU B 132 2.31 26.50 24.66
CA LEU B 132 2.57 25.58 25.79
C LEU B 132 1.35 25.40 26.67
N LYS B 133 0.66 26.50 26.98
CA LYS B 133 -0.58 26.40 27.77
C LYS B 133 -1.63 25.56 27.07
N SER B 134 -1.82 25.78 25.76
CA SER B 134 -2.73 24.98 24.97
C SER B 134 -2.37 23.50 24.99
N PHE B 135 -1.09 23.19 24.79
CA PHE B 135 -0.66 21.78 24.88
C PHE B 135 -0.93 21.14 26.25
N GLY B 136 -0.74 21.91 27.31
CA GLY B 136 -1.05 21.46 28.64
C GLY B 136 -2.51 21.13 28.89
N GLU B 137 -3.40 21.84 28.22
CA GLU B 137 -4.84 21.65 28.39
C GLU B 137 -5.40 20.57 27.50
N ALA B 138 -4.82 20.38 26.32
CA ALA B 138 -5.39 19.56 25.31
C ALA B 138 -4.97 18.10 25.62
N GLY B 139 -5.47 17.13 24.91
CA GLY B 139 -4.98 15.79 25.21
C GLY B 139 -3.95 15.24 24.24
N PHE B 140 -3.27 16.06 23.45
CA PHE B 140 -2.40 15.51 22.40
C PHE B 140 -1.08 15.06 22.98
N ASN B 141 -0.57 13.94 22.50
CA ASN B 141 0.74 13.41 22.89
C ASN B 141 1.78 13.35 21.80
N LYS B 142 1.58 14.14 20.73
CA LYS B 142 2.56 14.30 19.71
C LYS B 142 2.26 15.63 19.03
N VAL B 143 3.30 16.26 18.51
CA VAL B 143 3.12 17.45 17.72
CA VAL B 143 3.19 17.52 17.79
C VAL B 143 4.10 17.47 16.55
N ARG B 144 3.55 17.76 15.38
CA ARG B 144 4.34 17.92 14.18
C ARG B 144 4.84 19.36 14.18
N CYS B 146 8.26 22.05 12.72
CA CYS B 146 9.41 22.26 11.83
C CYS B 146 10.59 22.86 12.57
N VAL B 147 11.78 22.29 12.33
CA VAL B 147 13.03 22.88 12.80
C VAL B 147 13.23 24.20 12.17
N PHE B 148 13.22 24.22 10.84
CA PHE B 148 13.44 25.49 10.12
C PHE B 148 12.15 26.27 10.06
N PRO B 149 12.24 27.60 10.01
CA PRO B 149 11.04 28.43 9.92
C PRO B 149 10.25 28.25 8.65
N LYS B 150 8.99 28.65 8.76
CA LYS B 150 7.97 28.46 7.77
C LYS B 150 7.56 29.79 7.15
N ASN B 151 7.63 29.80 5.83
CA ASN B 151 7.15 30.92 5.00
C ASN B 151 5.98 30.35 4.21
N TYR B 152 4.81 30.90 4.40
CA TYR B 152 3.61 30.35 3.74
C TYR B 152 2.51 31.39 3.73
N SER B 153 1.49 31.15 2.92
CA SER B 153 0.24 31.95 3.00
CA SER B 153 0.27 31.95 3.00
C SER B 153 -0.17 32.00 4.48
N LEU B 154 -0.43 33.22 4.98
CA LEU B 154 -0.83 33.44 6.40
C LEU B 154 0.28 33.24 7.44
N VAL B 155 1.51 32.92 7.02
CA VAL B 155 2.63 32.70 7.92
C VAL B 155 3.82 33.46 7.38
N LYS B 156 3.94 34.71 7.84
CA LYS B 156 4.92 35.66 7.36
C LYS B 156 5.79 36.27 8.47
N ASP B 157 5.63 35.82 9.71
CA ASP B 157 6.35 36.38 10.86
C ASP B 157 7.85 36.12 10.65
N GLU B 158 8.68 37.14 10.80
CA GLU B 158 10.12 36.96 10.69
C GLU B 158 10.63 36.30 11.99
N PRO B 159 11.33 35.18 11.90
CA PRO B 159 11.94 34.59 13.09
C PRO B 159 13.00 35.51 13.71
N ALA B 160 13.17 35.41 15.03
CA ALA B 160 14.22 36.15 15.75
C ALA B 160 15.53 35.38 15.71
N LEU B 161 15.47 34.07 15.57
CA LEU B 161 16.66 33.20 15.54
C LEU B 161 16.68 32.39 14.28
N TYR B 162 17.88 32.16 13.79
CA TYR B 162 18.10 31.40 12.57
C TYR B 162 19.14 30.35 12.82
N PRO B 163 19.11 29.27 12.04
CA PRO B 163 20.05 28.16 12.28
C PRO B 163 21.52 28.39 11.98
N PHE B 164 21.83 29.41 11.18
CA PHE B 164 23.17 29.75 10.79
C PHE B 164 23.48 31.20 11.13
N GLU B 165 24.76 31.50 11.32
CA GLU B 165 25.25 32.89 11.39
C GLU B 165 24.99 33.57 10.01
N ILE B 166 24.86 34.89 10.07
CA ILE B 166 24.68 35.73 8.89
C ILE B 166 26.06 36.17 8.42
N GLU B 167 26.45 35.85 7.19
CA GLU B 167 27.75 36.29 6.65
C GLU B 167 27.68 37.77 6.30
N LYS B 168 26.59 38.18 5.67
CA LYS B 168 26.33 39.61 5.35
C LYS B 168 24.87 39.82 4.95
N THR B 169 24.41 41.07 5.05
CA THR B 169 23.08 41.50 4.61
C THR B 169 23.24 42.36 3.37
N ILE B 170 22.45 42.09 2.32
CA ILE B 170 22.51 42.87 1.05
C ILE B 170 21.16 43.52 0.71
N LYS B 171 21.17 44.68 0.05
CA LYS B 171 19.98 45.25 -0.63
C LYS B 171 19.78 44.44 -1.92
N ASP B 172 18.58 43.89 -2.12
CA ASP B 172 18.34 42.81 -3.13
C ASP B 172 17.85 43.30 -4.52
N LYS B 173 17.39 42.35 -5.36
CA LYS B 173 16.77 42.63 -6.66
C LYS B 173 15.74 43.76 -6.59
N GLU B 174 14.75 43.60 -5.71
CA GLU B 174 13.66 44.58 -5.54
C GLU B 174 13.90 45.60 -4.40
N GLY B 175 15.17 45.97 -4.14
CA GLY B 175 15.53 47.01 -3.14
C GLY B 175 15.69 46.61 -1.67
N ASN B 176 15.10 45.47 -1.27
CA ASN B 176 14.95 45.07 0.15
C ASN B 176 16.16 44.37 0.79
N GLU B 177 16.19 44.35 2.12
CA GLU B 177 17.25 43.66 2.86
C GLU B 177 17.08 42.13 2.83
N ARG B 178 18.22 41.44 2.81
CA ARG B 178 18.33 40.04 2.41
C ARG B 178 19.57 39.45 3.08
N LYS B 179 19.37 38.46 3.97
CA LYS B 179 20.50 37.86 4.71
C LYS B 179 21.16 36.75 3.91
N GLU B 180 22.50 36.79 3.80
CA GLU B 180 23.32 35.68 3.24
CA GLU B 180 23.22 35.64 3.26
C GLU B 180 23.93 34.89 4.40
N TRP B 181 23.73 33.57 4.42
CA TRP B 181 24.12 32.73 5.56
C TRP B 181 25.56 32.30 5.45
N ASP B 182 26.20 32.14 6.59
CA ASP B 182 27.46 31.44 6.67
C ASP B 182 27.04 30.04 7.03
N PHE B 183 26.96 29.19 6.00
CA PHE B 183 26.50 27.82 6.22
C PHE B 183 27.50 26.95 7.01
N ASP B 184 28.72 27.43 7.15
CA ASP B 184 29.76 26.73 7.92
C ASP B 184 29.69 27.02 9.42
N ARG B 185 28.78 27.89 9.88
CA ARG B 185 28.67 28.21 11.29
C ARG B 185 27.20 28.22 11.70
N PHE B 186 26.83 27.27 12.56
CA PHE B 186 25.50 27.25 13.15
C PHE B 186 25.40 28.36 14.19
N ASP B 187 24.17 28.80 14.48
CA ASP B 187 23.91 29.67 15.61
C ASP B 187 23.42 28.74 16.73
N PRO B 188 24.29 28.45 17.74
CA PRO B 188 23.84 27.58 18.85
C PRO B 188 22.57 28.04 19.57
N ALA B 189 22.35 29.34 19.69
CA ALA B 189 21.15 29.88 20.34
C ALA B 189 19.84 29.36 19.72
N PHE B 190 19.83 29.18 18.39
CA PHE B 190 18.68 28.64 17.67
C PHE B 190 18.39 27.23 18.14
N PHE B 191 19.44 26.42 18.25
CA PHE B 191 19.27 25.03 18.70
C PHE B 191 19.00 24.92 20.19
N GLN B 192 19.61 25.79 20.96
CA GLN B 192 19.29 25.84 22.42
C GLN B 192 17.81 26.15 22.68
N HIS B 193 17.26 27.06 21.87
CA HIS B 193 15.86 27.40 21.99
C HIS B 193 14.97 26.22 21.67
N LEU B 194 15.27 25.53 20.57
CA LEU B 194 14.54 24.34 20.17
C LEU B 194 14.56 23.27 21.28
N GLU B 195 15.76 23.03 21.83
CA GLU B 195 15.93 22.10 22.97
C GLU B 195 15.07 22.44 24.19
N LYS B 196 15.01 23.70 24.55
CA LYS B 196 14.15 24.15 25.66
C LYS B 196 12.71 23.75 25.42
N ARG B 197 12.22 24.03 24.23
CA ARG B 197 10.85 23.68 23.89
C ARG B 197 10.58 22.16 23.83
N ILE B 198 11.53 21.39 23.30
CA ILE B 198 11.38 19.95 23.21
C ILE B 198 11.32 19.36 24.65
N ASP B 199 12.16 19.87 25.53
CA ASP B 199 12.13 19.46 26.93
C ASP B 199 10.81 19.81 27.62
N GLN B 200 10.26 20.99 27.34
CA GLN B 200 8.94 21.36 27.86
C GLN B 200 7.86 20.40 27.35
N LEU B 201 7.93 19.99 26.07
CA LEU B 201 7.04 19.00 25.55
C LEU B 201 7.18 17.68 26.29
N ASN B 202 8.43 17.28 26.53
CA ASN B 202 8.69 16.04 27.25
C ASN B 202 8.04 16.02 28.62
N ARG B 203 8.15 17.12 29.35
CA ARG B 203 7.49 17.25 30.68
C ARG B 203 5.95 17.22 30.61
N LEU B 204 5.38 17.58 29.46
CA LEU B 204 3.95 17.44 29.22
C LEU B 204 3.51 16.06 28.71
N GLY B 205 4.46 15.16 28.47
CA GLY B 205 4.16 13.89 27.89
C GLY B 205 3.99 13.89 26.38
N ILE B 206 4.62 14.85 25.70
CA ILE B 206 4.35 15.03 24.27
C ILE B 206 5.62 14.73 23.45
N GLU B 207 5.45 13.91 22.41
CA GLU B 207 6.49 13.52 21.45
C GLU B 207 6.64 14.67 20.43
N ALA B 208 7.86 15.06 20.17
CA ALA B 208 8.22 16.12 19.27
C ALA B 208 8.58 15.44 17.96
N ASP B 209 7.60 15.44 17.04
CA ASP B 209 7.75 14.88 15.68
C ASP B 209 8.41 15.94 14.79
N LEU B 210 9.75 15.86 14.73
CA LEU B 210 10.58 17.01 14.27
C LEU B 210 10.81 16.93 12.77
N ILE B 211 10.23 17.87 12.05
CA ILE B 211 10.35 17.95 10.60
C ILE B 211 11.68 18.62 10.27
N LEU B 212 12.60 17.80 9.74
CA LEU B 212 13.98 18.26 9.51
C LEU B 212 14.15 19.18 8.30
N PHE B 213 13.33 18.94 7.28
CA PHE B 213 13.31 19.72 6.02
C PHE B 213 11.88 19.93 5.53
N HIS B 214 11.65 21.02 4.78
CA HIS B 214 10.34 21.26 4.29
C HIS B 214 10.41 22.27 3.15
N PRO B 215 9.29 22.46 2.43
CA PRO B 215 9.34 23.40 1.21
C PRO B 215 8.86 24.82 1.47
N TYR B 216 8.56 25.14 2.72
CA TYR B 216 7.88 26.42 3.09
C TYR B 216 8.91 27.52 3.29
N ASP B 217 9.52 27.89 2.18
CA ASP B 217 10.67 28.78 2.20
C ASP B 217 10.79 29.43 0.81
N LYS B 218 11.18 28.67 -0.20
CA LYS B 218 11.13 29.09 -1.61
C LYS B 218 11.93 30.37 -1.84
N GLY B 219 13.11 30.41 -1.27
CA GLY B 219 14.01 31.56 -1.45
C GLY B 219 13.90 32.70 -0.46
N ARG B 220 12.94 32.67 0.46
CA ARG B 220 12.92 33.68 1.52
C ARG B 220 14.18 33.62 2.37
N TRP B 221 14.53 32.43 2.81
CA TRP B 221 15.79 32.18 3.50
C TRP B 221 16.72 31.21 2.75
N GLY B 222 16.17 30.24 2.03
CA GLY B 222 17.00 29.27 1.30
C GLY B 222 17.34 27.99 2.03
N PHE B 223 16.71 27.73 3.16
CA PHE B 223 17.04 26.52 3.96
C PHE B 223 16.52 25.24 3.33
N ASP B 224 15.69 25.39 2.29
CA ASP B 224 15.12 24.29 1.52
C ASP B 224 15.91 23.95 0.25
N ALA B 225 16.98 24.67 0.00
CA ALA B 225 17.75 24.54 -1.24
C ALA B 225 19.23 24.56 -0.92
N SER B 227 23.04 22.96 -0.29
CA SER B 227 23.76 21.85 -0.89
C SER B 227 23.66 20.58 -0.05
N ASN B 228 23.90 19.39 -0.65
CA ASN B 228 23.89 18.16 0.16
C ASN B 228 24.99 18.13 1.19
N GLU B 229 26.09 18.84 0.93
CA GLU B 229 27.18 18.89 1.91
C GLU B 229 26.71 19.64 3.15
N VAL B 230 26.01 20.74 2.94
CA VAL B 230 25.43 21.50 4.06
C VAL B 230 24.32 20.68 4.74
N ASN B 231 23.43 20.06 3.96
CA ASN B 231 22.33 19.29 4.49
C ASN B 231 22.86 18.21 5.43
N VAL B 232 23.98 17.61 5.03
CA VAL B 232 24.56 16.51 5.80
C VAL B 232 25.22 17.05 7.07
N ARG B 233 25.92 18.17 6.96
CA ARG B 233 26.52 18.82 8.12
C ARG B 233 25.41 19.16 9.16
N TYR B 234 24.31 19.73 8.69
CA TYR B 234 23.17 20.05 9.55
C TYR B 234 22.61 18.79 10.23
N ILE B 235 22.38 17.76 9.44
CA ILE B 235 21.89 16.51 10.00
C ILE B 235 22.83 16.01 11.11
N LYS B 236 24.12 15.98 10.83
CA LYS B 236 25.09 15.50 11.80
C LYS B 236 25.07 16.32 13.10
N TYR B 237 24.93 17.63 12.96
CA TYR B 237 24.86 18.54 14.05
C TYR B 237 23.58 18.35 14.89
N ILE B 238 22.43 18.32 14.25
CA ILE B 238 21.16 18.29 14.98
C ILE B 238 20.96 16.90 15.66
N THR B 239 21.43 15.83 15.02
CA THR B 239 21.44 14.50 15.66
C THR B 239 22.38 14.45 16.86
N ALA B 240 23.58 15.02 16.73
CA ALA B 240 24.47 15.12 17.86
C ALA B 240 23.84 15.83 19.06
N ARG B 241 23.05 16.88 18.77
CA ARG B 241 22.39 17.64 19.81
C ARG B 241 21.17 16.92 20.39
N LEU B 242 20.31 16.39 19.50
CA LEU B 242 18.94 15.95 19.91
C LEU B 242 18.70 14.45 19.98
N ALA B 243 19.61 13.62 19.51
CA ALA B 243 19.36 12.17 19.52
C ALA B 243 19.25 11.69 20.97
N SER B 244 19.87 12.39 21.92
CA SER B 244 19.75 12.02 23.36
C SER B 244 18.39 12.37 24.00
N PHE B 245 17.54 13.14 23.31
CA PHE B 245 16.25 13.61 23.82
C PHE B 245 15.20 12.54 23.50
N ARG B 246 14.73 11.84 24.53
CA ARG B 246 13.95 10.60 24.30
C ARG B 246 12.67 10.84 23.52
N ASN B 247 12.06 12.04 23.65
CA ASN B 247 10.75 12.29 23.03
C ASN B 247 10.79 12.82 21.59
N VAL B 248 11.91 12.67 20.92
CA VAL B 248 12.07 13.14 19.55
C VAL B 248 11.72 11.99 18.57
N TRP B 249 11.01 12.31 17.52
CA TRP B 249 10.93 11.44 16.34
C TRP B 249 11.52 12.27 15.20
N TRP B 250 12.15 11.59 14.23
CA TRP B 250 12.62 12.24 13.01
C TRP B 250 11.55 12.15 11.94
N SER B 251 11.18 13.33 11.41
CA SER B 251 10.42 13.40 10.19
C SER B 251 11.30 14.00 9.16
N ALA B 253 10.78 14.94 6.19
CA ALA B 253 10.17 16.08 5.56
C ALA B 253 8.69 16.16 5.78
N ASN B 254 8.18 17.40 5.57
CA ASN B 254 6.76 17.63 5.33
C ASN B 254 6.65 17.98 3.86
N GLU B 255 5.73 17.34 3.14
CA GLU B 255 5.56 17.52 1.69
C GLU B 255 6.87 17.40 0.93
N TRP B 256 7.54 16.27 1.12
CA TRP B 256 8.84 16.02 0.50
C TRP B 256 8.86 16.33 -0.96
N ASP B 257 7.80 15.90 -1.67
CA ASP B 257 7.75 16.05 -3.12
C ASP B 257 7.50 17.47 -3.66
N TYR B 258 7.23 18.44 -2.78
CA TYR B 258 7.27 19.88 -3.14
C TYR B 258 8.60 20.59 -2.94
N VAL B 259 9.59 19.90 -2.38
CA VAL B 259 10.93 20.50 -2.24
C VAL B 259 11.65 20.29 -3.57
N LYS B 260 11.59 21.29 -4.43
CA LYS B 260 12.07 21.15 -5.80
C LYS B 260 13.59 20.95 -5.91
N ALA B 261 14.37 21.43 -4.97
CA ALA B 261 15.83 21.28 -5.01
C ALA B 261 16.30 19.84 -4.67
N LYS B 262 15.41 18.98 -4.16
CA LYS B 262 15.77 17.62 -3.74
C LYS B 262 15.11 16.55 -4.62
N THR B 263 15.92 15.56 -5.02
CA THR B 263 15.44 14.39 -5.72
C THR B 263 15.13 13.26 -4.73
N VAL B 264 14.52 12.20 -5.23
CA VAL B 264 14.26 11.01 -4.40
C VAL B 264 15.61 10.51 -3.84
N ASP B 265 16.63 10.49 -4.68
CA ASP B 265 17.98 10.04 -4.27
C ASP B 265 18.57 10.91 -3.18
N ASP B 266 18.37 12.22 -3.28
CA ASP B 266 18.74 13.10 -2.17
C ASP B 266 18.02 12.69 -0.88
N TRP B 267 16.71 12.45 -0.94
CA TRP B 267 15.97 12.09 0.27
C TRP B 267 16.49 10.76 0.89
N LYS B 268 16.83 9.81 0.03
CA LYS B 268 17.39 8.52 0.54
C LYS B 268 18.73 8.74 1.22
N LEU B 269 19.55 9.60 0.65
CA LEU B 269 20.83 9.95 1.24
C LEU B 269 20.65 10.63 2.61
N LEU B 270 19.80 11.66 2.64
CA LEU B 270 19.55 12.42 3.85
C LEU B 270 18.98 11.48 4.95
N THR B 271 18.12 10.55 4.58
CA THR B 271 17.49 9.59 5.52
C THR B 271 18.56 8.62 6.08
N LYS B 272 19.39 8.09 5.20
CA LYS B 272 20.49 7.23 5.65
C LYS B 272 21.42 7.98 6.59
N THR B 273 21.68 9.26 6.29
CA THR B 273 22.54 10.10 7.16
C THR B 273 21.94 10.26 8.60
N VAL B 274 20.62 10.49 8.70
CA VAL B 274 19.95 10.58 9.98
C VAL B 274 20.13 9.28 10.70
N VAL B 275 19.81 8.17 10.05
CA VAL B 275 19.83 6.88 10.74
C VAL B 275 21.25 6.51 11.19
N GLU B 276 22.25 6.81 10.36
CA GLU B 276 23.66 6.49 10.69
C GLU B 276 24.16 7.35 11.86
N ASN B 277 23.55 8.52 12.07
CA ASN B 277 23.92 9.42 13.13
C ASN B 277 22.99 9.38 14.35
N ASP B 278 22.13 8.37 14.41
CA ASP B 278 21.20 8.19 15.51
C ASP B 278 21.63 6.92 16.28
N PRO B 279 22.36 7.07 17.40
CA PRO B 279 22.82 5.92 18.16
C PRO B 279 21.70 5.11 18.82
N TYR B 280 20.49 5.68 18.89
CA TYR B 280 19.41 5.09 19.75
C TYR B 280 18.23 4.51 18.99
N ARG B 281 18.13 4.83 17.69
CA ARG B 281 17.05 4.39 16.80
C ARG B 281 15.66 4.98 17.19
N HIS B 282 15.54 6.29 17.05
CA HIS B 282 14.28 6.96 17.19
C HIS B 282 13.39 6.58 16.01
N LEU B 283 12.10 6.80 16.19
CA LEU B 283 11.16 6.71 15.07
C LEU B 283 11.58 7.66 13.93
N CYS B 284 11.35 7.22 12.70
CA CYS B 284 11.79 7.92 11.51
C CYS B 284 10.82 7.64 10.36
N SER B 285 10.27 8.72 9.80
CA SER B 285 9.42 8.62 8.61
C SER B 285 9.57 9.89 7.76
N ILE B 286 8.72 10.04 6.76
CA ILE B 286 8.74 11.14 5.78
C ILE B 286 7.33 11.31 5.31
N HIS B 287 6.89 12.58 5.21
CA HIS B 287 5.55 12.98 4.87
C HIS B 287 5.57 13.63 3.51
N GLY B 288 4.55 13.30 2.69
CA GLY B 288 4.46 13.86 1.33
C GLY B 288 3.28 14.77 1.07
N ALA B 289 3.13 15.13 -0.20
CA ALA B 289 1.92 15.80 -0.68
C ALA B 289 0.75 14.85 -0.64
N THR B 290 -0.44 15.40 -0.83
CA THR B 290 -1.65 14.58 -0.81
C THR B 290 -1.54 13.34 -1.71
N ALA B 291 -1.71 12.17 -1.11
CA ALA B 291 -1.70 10.88 -1.81
C ALA B 291 -0.35 10.49 -2.43
N THR B 292 0.73 11.10 -1.94
CA THR B 292 2.08 10.78 -2.36
C THR B 292 2.61 9.78 -1.30
N TYR B 293 3.08 8.60 -1.79
CA TYR B 293 3.63 7.56 -0.95
C TYR B 293 5.08 7.32 -1.38
N PHE B 294 5.98 7.69 -0.49
CA PHE B 294 7.39 7.32 -0.58
C PHE B 294 7.53 5.79 -0.45
N ASP B 295 8.73 5.31 -0.71
CA ASP B 295 9.08 3.89 -0.46
CA ASP B 295 9.08 3.89 -0.44
C ASP B 295 9.24 3.64 1.07
N TYR B 296 8.13 3.53 1.76
CA TYR B 296 8.13 3.33 3.20
C TYR B 296 8.64 1.95 3.61
N TRP B 297 8.72 1.02 2.63
CA TRP B 297 9.29 -0.31 2.87
CA TRP B 297 9.30 -0.31 2.89
C TRP B 297 10.81 -0.29 3.11
N PRO B 299 14.20 0.06 5.01
CA PRO B 299 14.39 -0.30 6.43
C PRO B 299 14.69 0.88 7.32
N GLU B 300 15.13 2.00 6.72
CA GLU B 300 15.32 3.23 7.50
C GLU B 300 14.08 3.73 8.17
N PHE B 301 12.92 3.50 7.57
CA PHE B 301 11.69 4.04 8.13
C PHE B 301 11.05 3.07 9.12
N THR B 302 10.66 3.60 10.28
CA THR B 302 10.00 2.79 11.29
C THR B 302 8.49 2.66 11.01
N HIS B 303 7.91 3.63 10.32
CA HIS B 303 6.47 3.73 10.19
C HIS B 303 6.14 4.58 8.98
N VAL B 304 4.84 4.59 8.66
CA VAL B 304 4.27 5.33 7.55
C VAL B 304 3.68 6.64 8.11
N SER B 305 4.03 7.77 7.50
CA SER B 305 3.57 9.10 7.90
C SER B 305 3.05 9.83 6.66
N ILE B 306 1.72 9.92 6.48
CA ILE B 306 1.16 10.35 5.21
C ILE B 306 0.14 11.47 5.31
N GLN B 307 0.08 12.23 4.21
CA GLN B 307 -0.94 13.24 3.97
C GLN B 307 -1.89 12.61 2.96
N ASP B 308 -3.06 12.19 3.41
CA ASP B 308 -4.04 11.60 2.50
C ASP B 308 -5.31 11.38 3.31
N GLU B 309 -6.41 12.03 2.93
CA GLU B 309 -7.68 11.70 3.60
C GLU B 309 -8.28 10.38 3.12
N ALA B 310 -7.83 9.86 1.99
CA ALA B 310 -8.46 8.64 1.45
C ALA B 310 -8.52 7.48 2.45
N PRO B 311 -7.42 7.18 3.14
CA PRO B 311 -7.50 6.04 4.08
C PRO B 311 -8.44 6.24 5.25
N VAL B 312 -8.76 7.47 5.62
CA VAL B 312 -9.68 7.69 6.73
C VAL B 312 -11.11 7.94 6.28
N LEU B 313 -11.39 7.78 4.98
CA LEU B 313 -12.76 7.86 4.51
C LEU B 313 -13.61 6.71 5.04
N SER B 314 -12.95 5.63 5.40
CA SER B 314 -13.58 4.50 6.09
C SER B 314 -12.51 3.77 6.88
N SER B 315 -12.95 3.09 7.92
CA SER B 315 -12.03 2.31 8.74
C SER B 315 -11.44 1.14 7.96
N THR B 316 -12.20 0.57 7.05
CA THR B 316 -11.66 -0.52 6.20
C THR B 316 -10.48 -0.03 5.34
N ALA B 317 -10.59 1.17 4.77
CA ALA B 317 -9.51 1.71 3.98
C ALA B 317 -8.23 1.87 4.81
N SER B 318 -8.39 2.24 6.08
CA SER B 318 -7.28 2.34 7.00
C SER B 318 -6.66 0.96 7.22
N ALA B 319 -7.54 -0.01 7.44
CA ALA B 319 -7.14 -1.38 7.74
C ALA B 319 -6.30 -1.99 6.61
N THR B 320 -6.66 -1.67 5.36
CA THR B 320 -5.92 -2.16 4.21
C THR B 320 -4.43 -1.72 4.29
N LEU B 321 -4.19 -0.45 4.60
CA LEU B 321 -2.80 0.04 4.72
C LEU B 321 -1.94 -0.70 5.70
N ARG B 322 -2.53 -1.13 6.80
CA ARG B 322 -1.79 -1.95 7.76
C ARG B 322 -1.25 -3.25 7.16
N LYS B 323 -2.08 -3.92 6.36
CA LYS B 323 -1.73 -5.17 5.72
C LYS B 323 -0.71 -4.97 4.63
N ILE B 324 -0.83 -3.85 3.90
CA ILE B 324 0.14 -3.51 2.86
C ILE B 324 1.55 -3.30 3.41
N TYR B 325 1.64 -2.46 4.42
CA TYR B 325 2.95 -2.00 4.90
C TYR B 325 3.56 -2.86 6.00
N ARG B 326 2.71 -3.38 6.88
CA ARG B 326 3.17 -4.11 8.07
CA ARG B 326 3.21 -4.16 8.03
C ARG B 326 4.24 -3.33 8.84
N LYS B 327 4.02 -2.01 8.89
CA LYS B 327 4.67 -1.09 9.79
C LYS B 327 3.52 -0.26 10.34
N PRO B 328 3.70 0.39 11.49
CA PRO B 328 2.62 1.24 11.97
C PRO B 328 2.29 2.33 10.96
N VAL B 329 1.00 2.67 10.82
CA VAL B 329 0.54 3.70 9.89
C VAL B 329 -0.07 4.90 10.62
N ILE B 330 0.42 6.08 10.28
CA ILE B 330 -0.12 7.31 10.78
C ILE B 330 -0.51 8.17 9.59
N CYS B 331 -1.79 8.54 9.56
CA CYS B 331 -2.27 9.59 8.65
C CYS B 331 -1.99 10.86 9.41
N ASP B 332 -0.79 11.40 9.17
CA ASP B 332 -0.34 12.61 9.89
C ASP B 332 -1.00 13.88 9.39
N GLU B 333 -1.67 13.80 8.26
CA GLU B 333 -2.43 14.96 7.75
C GLU B 333 -3.60 14.47 6.86
N VAL B 334 -4.83 14.83 7.26
CA VAL B 334 -6.02 14.45 6.56
C VAL B 334 -7.00 15.60 6.35
N GLY B 335 -6.54 16.83 6.42
CA GLY B 335 -7.44 17.98 6.57
C GLY B 335 -7.41 18.45 8.03
N TYR B 336 -7.58 19.75 8.17
CA TYR B 336 -7.63 20.45 9.46
C TYR B 336 -9.00 21.10 9.68
N GLU B 337 -9.47 21.07 10.92
CA GLU B 337 -10.64 21.86 11.32
C GLU B 337 -10.33 23.34 11.20
N GLY B 338 -11.14 24.08 10.48
CA GLY B 338 -10.87 25.49 10.30
C GLY B 338 -11.81 26.16 9.37
N ASN B 339 -11.51 27.44 9.13
CA ASN B 339 -12.35 28.29 8.33
C ASN B 339 -11.55 28.91 7.13
N LEU B 340 -10.44 28.30 6.73
CA LEU B 340 -9.63 28.86 5.62
C LEU B 340 -10.32 28.64 4.25
N PRO B 341 -10.01 29.46 3.24
CA PRO B 341 -10.45 29.16 1.87
C PRO B 341 -9.77 27.86 1.25
N TYR B 342 -8.68 27.42 1.82
CA TYR B 342 -7.94 26.27 1.31
C TYR B 342 -8.59 24.96 1.74
N ARG B 343 -8.63 24.02 0.81
CA ARG B 343 -9.33 22.75 1.08
C ARG B 343 -8.67 21.83 2.06
N TRP B 344 -7.42 22.08 2.41
CA TRP B 344 -6.74 21.44 3.49
C TRP B 344 -7.09 21.95 4.90
N GLY B 345 -7.76 23.09 4.98
CA GLY B 345 -7.97 23.78 6.27
C GLY B 345 -9.40 24.23 6.55
N ARG B 346 -10.36 23.44 6.10
CA ARG B 346 -11.76 23.83 6.20
C ARG B 346 -12.71 22.72 6.70
N LEU B 347 -12.21 21.73 7.39
CA LEU B 347 -13.08 20.73 7.93
C LEU B 347 -13.96 21.31 9.04
N SER B 348 -15.17 20.78 9.16
CA SER B 348 -15.98 21.00 10.36
C SER B 348 -15.31 20.29 11.53
N PRO B 349 -15.61 20.71 12.77
CA PRO B 349 -15.05 19.90 13.89
C PRO B 349 -15.53 18.46 13.92
N GLN B 350 -16.76 18.26 13.47
CA GLN B 350 -17.30 16.92 13.34
C GLN B 350 -16.52 16.04 12.36
N GLN B 351 -16.19 16.57 11.19
CA GLN B 351 -15.48 15.81 10.19
C GLN B 351 -14.04 15.51 10.61
N THR B 353 -13.16 15.08 13.68
CA THR B 353 -13.35 14.02 14.68
C THR B 353 -13.65 12.68 14.01
N CYS B 354 -14.47 12.73 12.96
CA CYS B 354 -14.88 11.52 12.26
C CYS B 354 -13.69 10.84 11.60
N PHE B 355 -12.84 11.63 10.92
CA PHE B 355 -11.62 11.05 10.31
C PHE B 355 -10.71 10.35 11.33
N ILE B 356 -10.50 11.00 12.47
CA ILE B 356 -9.61 10.49 13.52
C ILE B 356 -10.24 9.21 14.06
N LEU B 357 -11.55 9.24 14.27
CA LEU B 357 -12.26 8.02 14.77
C LEU B 357 -12.14 6.84 13.77
N ASN B 358 -12.35 7.15 12.48
CA ASN B 358 -12.29 6.13 11.43
C ASN B 358 -10.92 5.43 11.43
N GLY B 359 -9.86 6.23 11.47
CA GLY B 359 -8.52 5.66 11.49
C GLY B 359 -8.25 4.84 12.72
N LEU B 360 -8.59 5.38 13.89
CA LEU B 360 -8.38 4.65 15.13
C LEU B 360 -9.10 3.31 15.13
N LEU B 361 -10.36 3.34 14.73
CA LEU B 361 -11.14 2.10 14.68
C LEU B 361 -10.61 1.08 13.64
N GLY B 362 -10.03 1.59 12.56
CA GLY B 362 -9.39 0.73 11.57
C GLY B 362 -8.01 0.20 11.91
N GLY B 363 -7.45 0.61 13.04
CA GLY B 363 -6.15 0.16 13.49
C GLY B 363 -4.97 1.03 13.12
N ILE B 364 -5.22 2.26 12.67
CA ILE B 364 -4.12 3.22 12.38
C ILE B 364 -4.26 4.39 13.35
N TYR B 365 -3.44 5.42 13.12
CA TYR B 365 -3.41 6.63 13.95
C TYR B 365 -3.57 7.83 13.06
N VAL B 366 -4.10 8.91 13.65
CA VAL B 366 -4.45 10.07 12.86
C VAL B 366 -4.13 11.32 13.63
N THR B 367 -3.50 12.26 12.96
CA THR B 367 -3.11 13.55 13.56
C THR B 367 -4.20 14.63 13.27
N HIS B 368 -4.48 15.41 14.30
CA HIS B 368 -5.34 16.57 14.26
C HIS B 368 -4.60 17.82 13.77
N GLY B 369 -5.36 18.76 13.23
CA GLY B 369 -4.98 20.12 13.11
C GLY B 369 -6.15 21.04 13.22
N GLU B 370 -5.88 22.29 13.59
CA GLU B 370 -6.88 23.35 13.56
CA GLU B 370 -6.89 23.34 13.44
C GLU B 370 -6.30 24.64 13.00
N CYS B 371 -7.13 25.39 12.26
CA CYS B 371 -6.74 26.62 11.61
C CYS B 371 -7.92 27.54 11.41
N TYR B 372 -8.21 28.31 12.45
CA TYR B 372 -9.21 29.31 12.39
C TYR B 372 -8.50 30.65 12.29
N GLN B 373 -8.71 31.32 11.17
CA GLN B 373 -8.25 32.69 11.00
C GLN B 373 -9.20 33.62 11.74
N GLN B 374 -8.63 34.53 12.51
CA GLN B 374 -9.40 35.52 13.24
C GLN B 374 -8.52 36.78 13.34
N GLY B 375 -8.77 37.73 12.46
CA GLY B 375 -7.98 38.96 12.39
C GLY B 375 -6.51 38.62 12.22
N ASN B 376 -5.67 39.23 13.06
CA ASN B 376 -4.22 38.93 13.06
C ASN B 376 -3.80 37.91 14.11
N GLU B 377 -4.75 37.23 14.74
CA GLU B 377 -4.41 36.29 15.78
C GLU B 377 -3.66 35.08 15.22
N PRO B 378 -2.78 34.49 16.04
CA PRO B 378 -2.08 33.28 15.57
C PRO B 378 -3.07 32.18 15.22
N ILE B 379 -2.73 31.46 14.14
CA ILE B 379 -3.54 30.37 13.65
C ILE B 379 -2.76 29.10 13.99
N PHE B 380 -3.39 28.22 14.78
CA PHE B 380 -2.69 27.16 15.47
C PHE B 380 -1.86 26.24 14.59
N TRP B 381 -2.42 25.77 13.46
CA TRP B 381 -1.75 24.71 12.65
C TRP B 381 -0.32 25.10 12.29
N ALA B 382 -0.08 26.40 12.10
CA ALA B 382 1.26 26.90 11.76
C ALA B 382 1.94 27.67 12.90
N GLN B 383 1.17 28.47 13.66
CA GLN B 383 1.73 29.43 14.61
C GLN B 383 1.57 29.08 16.07
N GLY B 384 0.85 28.00 16.36
CA GLY B 384 0.41 27.75 17.74
C GLY B 384 -0.53 28.84 18.21
N GLY B 385 -0.42 29.21 19.50
CA GLY B 385 -1.34 30.15 20.12
C GLY B 385 -2.42 29.46 20.89
N SER B 386 -3.66 29.84 20.65
CA SER B 386 -4.80 29.27 21.36
C SER B 386 -5.58 28.37 20.43
N LEU B 387 -6.10 27.27 20.96
CA LEU B 387 -7.03 26.40 20.26
C LEU B 387 -8.41 27.05 20.31
N LYS B 388 -9.00 27.25 19.14
CA LYS B 388 -10.27 27.91 19.00
C LYS B 388 -11.38 26.99 18.57
N GLY B 389 -11.06 25.76 18.19
CA GLY B 389 -12.03 24.85 17.61
C GLY B 389 -12.65 23.94 18.65
N GLU B 390 -13.36 22.95 18.16
CA GLU B 390 -14.07 21.98 19.01
C GLU B 390 -13.57 20.56 18.93
N SER B 391 -12.89 20.14 17.85
CA SER B 391 -12.46 18.76 17.73
C SER B 391 -11.39 18.37 18.75
N TRP B 392 -10.55 19.33 19.16
CA TRP B 392 -9.48 18.99 20.12
C TRP B 392 -10.04 18.43 21.45
N LYS B 393 -11.24 18.86 21.82
CA LYS B 393 -11.94 18.30 23.04
C LYS B 393 -12.33 16.83 22.83
N ARG B 394 -12.70 16.46 21.63
CA ARG B 394 -13.18 15.08 21.34
C ARG B 394 -12.01 14.09 21.23
N VAL B 395 -10.90 14.52 20.63
CA VAL B 395 -9.67 13.69 20.63
CA VAL B 395 -9.63 13.76 20.61
C VAL B 395 -9.20 13.39 22.06
N LYS B 396 -9.25 14.34 22.95
CA LYS B 396 -8.99 13.98 24.41
C LYS B 396 -9.90 12.86 25.06
N PHE B 397 -11.19 12.93 24.74
CA PHE B 397 -12.16 11.91 25.16
C PHE B 397 -11.82 10.58 24.49
N LEU B 398 -11.51 10.63 23.20
CA LEU B 398 -11.14 9.43 22.43
C LEU B 398 -9.92 8.71 22.99
N ARG B 399 -8.95 9.47 23.49
CA ARG B 399 -7.83 8.84 24.17
C ARG B 399 -8.24 7.97 25.32
N THR B 400 -9.16 8.46 26.14
CA THR B 400 -9.55 7.73 27.31
C THR B 400 -10.22 6.42 26.83
N ILE B 401 -10.97 6.49 25.74
CA ILE B 401 -11.65 5.27 25.21
C ILE B 401 -10.64 4.23 24.74
N ILE B 402 -9.73 4.66 23.87
CA ILE B 402 -8.76 3.69 23.30
C ILE B 402 -7.78 3.17 24.34
N GLU B 403 -7.41 4.00 25.34
CA GLU B 403 -6.48 3.54 26.37
C GLU B 403 -7.10 2.60 27.37
N ALA B 404 -8.42 2.59 27.44
CA ALA B 404 -9.12 1.74 28.37
C ALA B 404 -9.22 0.32 27.81
N ALA B 405 -9.04 0.15 26.50
CA ALA B 405 -9.17 -1.16 25.87
C ALA B 405 -7.96 -2.00 26.15
N PRO B 406 -8.12 -3.34 26.17
CA PRO B 406 -6.96 -4.15 26.58
C PRO B 406 -5.82 -4.29 25.57
N HIS B 407 -6.12 -4.10 24.29
CA HIS B 407 -5.10 -4.15 23.23
C HIS B 407 -5.39 -3.06 22.22
N PRO B 408 -4.46 -2.86 21.26
CA PRO B 408 -4.75 -1.98 20.15
C PRO B 408 -5.94 -2.44 19.30
N LEU B 409 -6.51 -1.49 18.60
CA LEU B 409 -7.72 -1.72 17.77
C LEU B 409 -7.39 -2.28 16.42
N GLU B 410 -8.31 -3.08 15.87
CA GLU B 410 -8.21 -3.60 14.49
C GLU B 410 -9.63 -4.03 14.07
N ALA B 412 -12.49 -6.54 13.15
CA ALA B 412 -12.81 -7.94 13.50
C ALA B 412 -12.89 -8.89 12.35
N ASP B 413 -13.30 -8.41 11.16
CA ASP B 413 -13.51 -9.30 10.01
C ASP B 413 -13.23 -8.49 8.76
N ILE B 414 -11.93 -8.30 8.53
CA ILE B 414 -11.40 -7.33 7.59
C ILE B 414 -12.00 -7.54 6.18
N SER B 415 -12.45 -6.44 5.61
CA SER B 415 -12.99 -6.35 4.26
C SER B 415 -14.40 -6.87 4.11
N ARG B 416 -14.90 -7.58 5.14
CA ARG B 416 -16.22 -8.27 5.09
C ARG B 416 -17.20 -7.52 5.97
N ASP B 417 -16.78 -7.21 7.19
CA ASP B 417 -17.60 -6.41 8.14
C ASP B 417 -16.91 -5.05 8.19
N LEU B 418 -17.66 -4.00 7.84
CA LEU B 418 -17.08 -2.65 7.66
C LEU B 418 -17.25 -1.78 8.88
N VAL B 419 -17.83 -2.33 9.97
CA VAL B 419 -18.16 -1.52 11.13
C VAL B 419 -17.67 -2.01 12.47
N THR B 420 -17.29 -3.28 12.55
CA THR B 420 -16.96 -3.88 13.83
C THR B 420 -15.43 -3.87 14.04
N SER B 421 -14.99 -3.15 15.09
CA SER B 421 -13.61 -3.18 15.57
C SER B 421 -13.49 -4.08 16.79
N THR B 422 -12.30 -4.67 17.00
CA THR B 422 -12.00 -5.40 18.20
C THR B 422 -10.75 -4.85 18.87
N ALA B 423 -10.72 -4.95 20.20
CA ALA B 423 -9.52 -4.68 20.99
C ALA B 423 -9.19 -5.85 21.93
N GLY B 424 -9.68 -7.05 21.60
CA GLY B 424 -9.47 -8.22 22.45
C GLY B 424 -10.54 -9.26 22.31
N PRO B 425 -10.32 -10.44 22.92
CA PRO B 425 -11.39 -11.40 23.09
C PRO B 425 -12.61 -10.75 23.70
N ASP B 426 -13.76 -10.89 23.05
CA ASP B 426 -15.04 -10.39 23.59
C ASP B 426 -15.00 -8.89 23.92
N TYR B 427 -14.32 -8.11 23.11
CA TYR B 427 -14.18 -6.66 23.34
C TYR B 427 -14.27 -5.90 22.05
N TYR B 428 -15.43 -5.29 21.82
CA TYR B 428 -15.77 -4.72 20.52
C TYR B 428 -16.12 -3.23 20.62
N LEU B 429 -15.78 -2.49 19.57
CA LEU B 429 -16.31 -1.17 19.33
C LEU B 429 -16.95 -1.24 17.94
N VAL B 430 -18.27 -1.02 17.88
CA VAL B 430 -19.01 -1.07 16.66
C VAL B 430 -19.43 0.35 16.28
N ASN B 431 -19.02 0.76 15.09
CA ASN B 431 -19.34 2.10 14.62
C ASN B 431 -20.73 2.12 14.03
N GLY B 433 -22.01 4.67 12.50
CA GLY B 433 -21.83 5.33 11.21
C GLY B 433 -22.42 6.73 11.20
N LYS B 434 -22.52 7.34 10.03
CA LYS B 434 -23.16 8.67 9.89
C LYS B 434 -24.62 8.62 9.49
N ASP B 435 -25.18 7.44 9.10
CA ASP B 435 -26.61 7.35 8.70
C ASP B 435 -27.47 7.21 9.96
N VAL B 436 -28.00 8.35 10.39
CA VAL B 436 -28.74 8.57 11.62
C VAL B 436 -29.96 7.62 11.71
N LYS B 437 -30.06 6.89 12.83
CA LYS B 437 -31.15 5.96 13.05
C LYS B 437 -31.32 5.76 14.55
N GLY B 438 -32.39 5.10 14.91
CA GLY B 438 -32.76 4.98 16.34
C GLY B 438 -32.53 3.61 16.92
N PHE B 439 -32.10 2.67 16.11
CA PHE B 439 -32.06 1.28 16.58
C PHE B 439 -31.01 0.52 15.81
N TRP B 440 -30.26 -0.34 16.51
CA TRP B 440 -29.24 -1.24 15.88
C TRP B 440 -29.54 -2.66 16.34
N THR B 441 -29.78 -3.56 15.41
CA THR B 441 -29.95 -5.00 15.73
C THR B 441 -28.63 -5.58 16.20
N PHE B 442 -28.63 -6.30 17.35
CA PHE B 442 -27.39 -6.87 17.89
C PHE B 442 -26.90 -7.91 16.87
N ASN B 443 -25.73 -7.64 16.30
CA ASN B 443 -25.17 -8.44 15.20
CA ASN B 443 -25.14 -8.52 15.30
C ASN B 443 -23.67 -8.24 15.24
N LEU B 444 -22.91 -9.33 15.34
CA LEU B 444 -21.47 -9.31 15.31
C LEU B 444 -20.92 -10.34 14.31
N PRO B 445 -19.69 -10.15 13.82
CA PRO B 445 -19.05 -11.26 13.11
C PRO B 445 -18.72 -12.44 14.06
N VAL B 446 -18.69 -13.65 13.54
CA VAL B 446 -18.16 -14.78 14.33
C VAL B 446 -16.63 -14.67 14.39
N LYS B 447 -16.01 -14.18 13.31
CA LYS B 447 -14.57 -14.00 13.31
C LYS B 447 -14.25 -12.83 14.26
N ASN B 448 -13.17 -12.96 15.01
CA ASN B 448 -12.66 -11.90 15.86
C ASN B 448 -11.16 -11.71 15.62
N ALA B 449 -10.83 -11.08 14.48
CA ALA B 449 -9.44 -10.94 14.04
C ALA B 449 -8.73 -12.29 14.21
N ASP B 450 -7.58 -12.32 14.88
CA ASP B 450 -6.87 -13.56 15.14
C ASP B 450 -7.07 -14.12 16.57
N TYR B 451 -8.03 -13.56 17.30
CA TYR B 451 -8.50 -14.12 18.56
C TYR B 451 -9.39 -15.30 18.26
N ASN B 452 -9.82 -16.02 19.29
CA ASN B 452 -10.79 -17.09 19.05
C ASN B 452 -12.10 -16.54 18.51
N LYS B 453 -12.82 -17.40 17.83
CA LYS B 453 -14.15 -17.05 17.32
C LYS B 453 -15.11 -16.72 18.48
N LEU B 454 -16.07 -15.87 18.19
CA LEU B 454 -17.11 -15.49 19.15
C LEU B 454 -18.03 -16.66 19.45
N GLN B 455 -18.10 -16.99 20.72
CA GLN B 455 -18.87 -18.14 21.15
C GLN B 455 -20.35 -17.86 21.42
N LYS B 456 -21.14 -18.94 21.39
CA LYS B 456 -22.56 -18.92 21.71
CA LYS B 456 -22.56 -18.96 21.72
C LYS B 456 -22.76 -18.84 23.22
N ASN B 457 -23.96 -18.40 23.63
CA ASN B 457 -24.34 -18.38 25.05
CA ASN B 457 -24.34 -18.38 25.06
C ASN B 457 -23.42 -17.46 25.89
N LYS B 458 -22.84 -16.44 25.30
CA LYS B 458 -22.06 -15.44 26.05
C LYS B 458 -22.93 -14.22 26.23
N ARG B 459 -22.80 -13.60 27.40
CA ARG B 459 -23.61 -12.43 27.77
C ARG B 459 -22.78 -11.19 27.60
N PHE B 460 -23.34 -10.18 26.90
CA PHE B 460 -22.66 -8.93 26.59
C PHE B 460 -23.43 -7.72 27.12
N LYS B 461 -22.69 -6.78 27.68
CA LYS B 461 -23.27 -5.47 27.93
CA LYS B 461 -23.25 -5.47 27.96
C LYS B 461 -22.87 -4.52 26.85
N VAL B 462 -23.68 -3.48 26.69
CA VAL B 462 -23.45 -2.45 25.67
C VAL B 462 -23.38 -1.10 26.37
N GLU B 463 -22.35 -0.35 25.98
CA GLU B 463 -22.19 1.05 26.39
C GLU B 463 -22.30 1.89 25.11
N ILE B 464 -23.19 2.87 25.16
CA ILE B 464 -23.37 3.78 24.02
C ILE B 464 -22.38 4.91 24.23
N ILE B 465 -21.43 5.00 23.29
CA ILE B 465 -20.44 6.08 23.32
C ILE B 465 -20.89 7.11 22.31
N ASP B 466 -21.24 8.29 22.79
CA ASP B 466 -21.54 9.41 21.91
C ASP B 466 -20.26 10.17 21.80
N VAL B 467 -19.53 9.96 20.71
CA VAL B 467 -18.22 10.52 20.53
C VAL B 467 -18.23 12.05 20.52
N TRP B 468 -19.18 12.64 19.78
CA TRP B 468 -19.30 14.10 19.74
C TRP B 468 -19.72 14.71 21.08
N ALA B 469 -20.68 14.11 21.78
CA ALA B 469 -21.12 14.60 23.08
C ALA B 469 -20.13 14.25 24.22
N THR B 471 -19.77 11.32 25.89
CA THR B 471 -20.47 10.63 26.95
C THR B 471 -20.44 9.10 26.71
N VAL B 472 -20.50 8.36 27.81
CA VAL B 472 -20.62 6.90 27.81
C VAL B 472 -21.80 6.56 28.69
N THR B 473 -22.76 5.81 28.13
CA THR B 473 -24.00 5.49 28.82
C THR B 473 -24.22 3.99 28.75
N GLU B 474 -24.39 3.39 29.91
CA GLU B 474 -24.66 1.94 29.99
C GLU B 474 -26.07 1.64 29.54
N TYR B 475 -26.22 0.71 28.60
CA TYR B 475 -27.54 0.31 28.13
C TYR B 475 -28.05 -0.81 29.05
N PRO B 476 -29.34 -0.80 29.37
CA PRO B 476 -29.75 -1.72 30.46
C PRO B 476 -29.97 -3.20 30.02
N VAL B 477 -30.06 -3.49 28.72
CA VAL B 477 -30.29 -4.85 28.24
C VAL B 477 -28.96 -5.60 28.13
N ILE B 478 -28.93 -6.81 28.69
CA ILE B 478 -27.80 -7.74 28.51
C ILE B 478 -28.15 -8.72 27.36
N PHE B 479 -27.30 -8.72 26.33
CA PHE B 479 -27.49 -9.55 25.14
C PHE B 479 -26.85 -10.91 25.33
N GLU B 480 -27.36 -11.91 24.62
CA GLU B 480 -26.81 -13.25 24.70
C GLU B 480 -26.64 -13.80 23.30
N THR B 481 -25.45 -14.31 23.02
CA THR B 481 -25.07 -14.71 21.67
C THR B 481 -25.69 -16.01 21.17
N THR B 482 -26.07 -15.99 19.90
CA THR B 482 -26.50 -17.21 19.19
C THR B 482 -25.24 -17.98 18.75
N GLU B 483 -25.51 -19.12 18.16
CA GLU B 483 -24.52 -19.85 17.37
C GLU B 483 -24.19 -19.06 16.13
N GLU B 484 -23.12 -19.47 15.46
CA GLU B 484 -22.70 -18.90 14.19
C GLU B 484 -23.78 -19.13 13.16
N LEU B 485 -24.21 -18.10 12.49
CA LEU B 485 -25.29 -18.17 11.52
C LEU B 485 -24.85 -17.29 10.33
N ASP B 486 -24.44 -17.95 9.24
CA ASP B 486 -23.96 -17.28 8.03
C ASP B 486 -22.92 -16.19 8.29
N TYR B 487 -21.85 -16.62 8.98
CA TYR B 487 -20.70 -15.82 9.41
C TYR B 487 -20.93 -14.78 10.52
N ARG B 488 -22.15 -14.74 11.05
CA ARG B 488 -22.54 -13.75 12.02
C ARG B 488 -23.05 -14.42 13.29
N VAL B 489 -23.24 -13.58 14.30
CA VAL B 489 -23.75 -13.96 15.63
C VAL B 489 -24.76 -12.86 16.00
N PHE B 490 -25.92 -13.28 16.48
CA PHE B 490 -27.03 -12.38 16.84
C PHE B 490 -27.32 -12.53 18.32
N ASP B 491 -28.35 -11.82 18.79
CA ASP B 491 -28.90 -12.01 20.12
C ASP B 491 -29.98 -13.04 20.02
N ILE B 492 -30.07 -13.89 21.05
CA ILE B 492 -31.03 -14.97 21.06
C ILE B 492 -32.50 -14.57 20.89
N HIS B 493 -32.89 -13.36 21.32
CA HIS B 493 -34.25 -12.91 21.15
C HIS B 493 -34.41 -11.89 20.04
N HIS B 494 -33.43 -11.82 19.16
CA HIS B 494 -33.42 -10.91 18.00
C HIS B 494 -33.46 -9.41 18.47
N ARG B 495 -32.91 -9.15 19.64
CA ARG B 495 -32.93 -7.83 20.24
C ARG B 495 -31.89 -6.94 19.64
N GLY B 496 -32.03 -5.67 19.96
CA GLY B 496 -31.03 -4.66 19.62
C GLY B 496 -30.96 -3.53 20.62
N VAL B 497 -30.30 -2.46 20.20
CA VAL B 497 -29.97 -1.34 21.09
C VAL B 497 -30.64 -0.09 20.52
N ARG B 498 -31.50 0.51 21.32
CA ARG B 498 -32.03 1.82 20.97
C ARG B 498 -30.94 2.83 21.17
N ILE B 499 -30.68 3.61 20.14
CA ILE B 499 -29.61 4.59 20.16
C ILE B 499 -30.09 5.99 19.83
N PRO B 500 -29.30 7.02 20.21
CA PRO B 500 -29.65 8.38 19.80
C PRO B 500 -29.62 8.48 18.29
N ASP B 501 -30.56 9.26 17.74
CA ASP B 501 -30.62 9.51 16.29
C ASP B 501 -29.58 10.58 15.98
N ALA B 502 -28.33 10.14 15.99
CA ALA B 502 -27.17 11.04 15.82
C ALA B 502 -26.05 10.28 15.20
N PRO B 503 -25.16 11.01 14.49
CA PRO B 503 -23.94 10.40 13.97
C PRO B 503 -22.90 10.24 15.09
N TYR B 504 -21.87 9.49 14.81
CA TYR B 504 -20.70 9.34 15.69
C TYR B 504 -21.01 8.60 16.99
N ILE B 505 -21.97 7.68 16.91
CA ILE B 505 -22.26 6.78 18.01
C ILE B 505 -21.43 5.51 17.77
N VAL B 506 -20.72 5.08 18.81
CA VAL B 506 -19.97 3.86 18.86
C VAL B 506 -20.49 3.01 20.00
N LEU B 507 -20.75 1.73 19.74
CA LEU B 507 -21.15 0.83 20.81
C LEU B 507 -19.94 0.04 21.34
N ARG B 508 -19.69 0.11 22.63
CA ARG B 508 -18.64 -0.71 23.26
C ARG B 508 -19.36 -1.90 23.85
N ILE B 509 -18.99 -3.08 23.37
CA ILE B 509 -19.72 -4.32 23.66
C ILE B 509 -18.70 -5.27 24.30
N THR B 510 -18.97 -5.64 25.55
CA THR B 510 -17.99 -6.38 26.37
C THR B 510 -18.73 -7.43 27.20
N GLU B 511 -18.03 -8.49 27.55
CA GLU B 511 -18.63 -9.61 28.25
C GLU B 511 -18.97 -9.27 29.70
N VAL B 512 -20.11 -9.73 30.16
CA VAL B 512 -20.46 -9.61 31.58
C VAL B 512 -19.90 -10.85 32.25
#